data_7USI
#
_entry.id   7USI
#
_cell.length_a   63.810
_cell.length_b   149.872
_cell.length_c   63.819
_cell.angle_alpha   90.000
_cell.angle_beta   112.270
_cell.angle_gamma   90.000
#
_symmetry.space_group_name_H-M   'P 1 21 1'
#
loop_
_entity.id
_entity.type
_entity.pdbx_description
1 polymer 'Bromodomain-containing protein 2'
2 non-polymer (8M)-8-(2,3-dihydro-1,4-benzodioxin-6-yl)-2-(morpholin-4-yl)-4H-1-benzopyran-4-one
3 non-polymer DI(HYDROXYETHYL)ETHER
4 non-polymer 1,2-ETHANEDIOL
5 non-polymer 'DIMETHYL SULFOXIDE'
6 non-polymer 'CHLORIDE ION'
7 non-polymer 'SODIUM ION'
8 non-polymer 'TRIETHYLENE GLYCOL'
9 water water
#
_entity_poly.entity_id   1
_entity_poly.type   'polypeptide(L)'
_entity_poly.pdbx_seq_one_letter_code
;GPMGRVTNQLQYLHKVVMKALWKHQFAWPFRQPVDAVKLGLPDYHKIIKQPMDMGTIKRRLENNYYWAASECMQDFNTMF
TNCYIYNKPTDDIVLMAQTLEKIFLQKVASMPQE
;
_entity_poly.pdbx_strand_id   A,B,C,D,E,F
#
loop_
_chem_comp.id
_chem_comp.type
_chem_comp.name
_chem_comp.formula
CL non-polymer 'CHLORIDE ION' 'Cl -1'
DMS non-polymer 'DIMETHYL SULFOXIDE' 'C2 H6 O S'
EDO non-polymer 1,2-ETHANEDIOL 'C2 H6 O2'
NA non-polymer 'SODIUM ION' 'Na 1'
O6O non-polymer (8M)-8-(2,3-dihydro-1,4-benzodioxin-6-yl)-2-(morpholin-4-yl)-4H-1-benzopyran-4-one 'C21 H19 N O5'
PEG non-polymer DI(HYDROXYETHYL)ETHER 'C4 H10 O3'
PGE non-polymer 'TRIETHYLENE GLYCOL' 'C6 H14 O4'
#
# COMPACT_ATOMS: atom_id res chain seq x y z
N GLY A 4 -5.04 -3.97 -6.87
CA GLY A 4 -5.39 -4.41 -8.23
C GLY A 4 -6.87 -4.30 -8.61
N ARG A 5 -7.39 -5.34 -9.28
CA ARG A 5 -8.83 -5.49 -9.52
C ARG A 5 -9.53 -5.85 -8.21
N VAL A 6 -10.40 -4.96 -7.74
CA VAL A 6 -11.07 -5.15 -6.46
C VAL A 6 -11.83 -6.47 -6.43
N THR A 7 -12.53 -6.79 -7.52
CA THR A 7 -13.38 -7.98 -7.54
C THR A 7 -12.55 -9.25 -7.40
N ASN A 8 -11.46 -9.36 -8.15
CA ASN A 8 -10.59 -10.53 -8.06
C ASN A 8 -9.97 -10.65 -6.68
N GLN A 9 -9.59 -9.53 -6.07
CA GLN A 9 -8.99 -9.56 -4.75
C GLN A 9 -10.01 -10.02 -3.70
N LEU A 10 -11.22 -9.46 -3.73
CA LEU A 10 -12.23 -9.82 -2.75
C LEU A 10 -12.68 -11.27 -2.93
N GLN A 11 -12.81 -11.74 -4.17
CA GLN A 11 -13.08 -13.16 -4.40
C GLN A 11 -12.00 -14.04 -3.83
N TYR A 12 -10.74 -13.62 -3.93
CA TYR A 12 -9.65 -14.39 -3.34
C TYR A 12 -9.77 -14.39 -1.81
N LEU A 13 -10.11 -13.24 -1.23
CA LEU A 13 -10.26 -13.20 0.22
C LEU A 13 -11.35 -14.14 0.69
N HIS A 14 -12.45 -14.20 -0.05
CA HIS A 14 -13.56 -15.08 0.28
C HIS A 14 -13.25 -16.55 -0.03
N LYS A 15 -12.78 -16.84 -1.25
CA LYS A 15 -12.71 -18.20 -1.75
C LYS A 15 -11.49 -18.94 -1.27
N VAL A 16 -10.38 -18.23 -1.09
CA VAL A 16 -9.12 -18.87 -0.69
C VAL A 16 -8.86 -18.56 0.78
N VAL A 17 -8.60 -17.29 1.11
CA VAL A 17 -8.22 -16.90 2.47
C VAL A 17 -9.29 -17.30 3.47
N MET A 18 -10.50 -16.80 3.29
CA MET A 18 -11.53 -17.05 4.30
C MET A 18 -11.91 -18.52 4.36
N LYS A 19 -12.06 -19.18 3.22
CA LYS A 19 -12.48 -20.59 3.29
C LYS A 19 -11.44 -21.43 4.03
N ALA A 20 -10.16 -21.16 3.83
CA ALA A 20 -9.12 -21.90 4.54
C ALA A 20 -9.20 -21.67 6.05
N LEU A 21 -9.27 -20.39 6.47
CA LEU A 21 -9.32 -20.09 7.90
C LEU A 21 -10.59 -20.63 8.53
N TRP A 22 -11.71 -20.56 7.81
CA TRP A 22 -12.99 -20.97 8.37
C TRP A 22 -12.99 -22.44 8.75
N LYS A 23 -12.34 -23.30 7.94
CA LYS A 23 -12.33 -24.74 8.16
C LYS A 23 -11.18 -25.23 9.06
N HIS A 24 -10.34 -24.32 9.55
CA HIS A 24 -9.24 -24.76 10.39
C HIS A 24 -9.74 -25.22 11.76
N GLN A 25 -8.99 -26.15 12.37
CA GLN A 25 -9.37 -26.67 13.67
C GLN A 25 -9.42 -25.60 14.77
N PHE A 26 -8.78 -24.46 14.58
CA PHE A 26 -8.88 -23.40 15.57
C PHE A 26 -9.97 -22.36 15.27
N ALA A 27 -10.76 -22.54 14.21
CA ALA A 27 -11.60 -21.46 13.70
C ALA A 27 -12.89 -21.25 14.47
N TRP A 28 -13.41 -22.31 15.10
CA TRP A 28 -14.78 -22.27 15.60
C TRP A 28 -15.06 -21.17 16.64
N PRO A 29 -14.12 -20.75 17.50
CA PRO A 29 -14.43 -19.56 18.35
C PRO A 29 -14.62 -18.27 17.56
N PHE A 30 -14.29 -18.22 16.27
CA PHE A 30 -14.35 -16.97 15.50
C PHE A 30 -15.40 -17.02 14.40
N ARG A 31 -16.23 -18.06 14.33
CA ARG A 31 -17.26 -18.07 13.30
C ARG A 31 -18.46 -17.21 13.64
N GLN A 32 -18.51 -16.70 14.87
CA GLN A 32 -19.66 -15.93 15.33
C GLN A 32 -19.16 -14.94 16.35
N PRO A 33 -19.93 -13.87 16.65
CA PRO A 33 -19.45 -12.84 17.58
C PRO A 33 -19.21 -13.40 18.96
N VAL A 34 -18.19 -12.85 19.64
CA VAL A 34 -17.97 -13.11 21.04
C VAL A 34 -19.25 -12.78 21.82
N ASP A 35 -19.68 -13.69 22.69
CA ASP A 35 -20.86 -13.51 23.54
C ASP A 35 -20.39 -13.31 24.99
N ALA A 36 -20.17 -12.04 25.35
CA ALA A 36 -19.55 -11.73 26.64
C ALA A 36 -20.37 -12.23 27.82
N VAL A 37 -21.70 -12.34 27.65
CA VAL A 37 -22.55 -12.82 28.74
C VAL A 37 -22.34 -14.31 28.95
N LYS A 38 -22.53 -15.11 27.88
CA LYS A 38 -22.43 -16.56 28.02
C LYS A 38 -21.02 -16.96 28.43
N LEU A 39 -19.99 -16.33 27.86
CA LEU A 39 -18.64 -16.63 28.32
C LEU A 39 -18.34 -16.03 29.67
N GLY A 40 -19.25 -15.22 30.22
CA GLY A 40 -19.01 -14.49 31.45
C GLY A 40 -17.86 -13.52 31.35
N LEU A 41 -17.84 -12.71 30.27
CA LEU A 41 -16.78 -11.73 30.09
C LEU A 41 -17.31 -10.33 30.45
N PRO A 42 -17.17 -9.91 31.70
CA PRO A 42 -17.84 -8.67 32.13
C PRO A 42 -17.37 -7.46 31.36
N ASP A 43 -16.06 -7.34 31.19
CA ASP A 43 -15.43 -6.16 30.63
C ASP A 43 -15.04 -6.32 29.17
N TYR A 44 -15.67 -7.25 28.45
CA TYR A 44 -15.33 -7.42 27.03
C TYR A 44 -15.65 -6.14 26.27
N HIS A 45 -16.93 -5.80 26.15
CA HIS A 45 -17.31 -4.60 25.42
C HIS A 45 -16.85 -3.31 26.08
N LYS A 46 -16.32 -3.34 27.31
CA LYS A 46 -15.62 -2.16 27.82
C LYS A 46 -14.27 -2.01 27.15
N ILE A 47 -13.50 -3.09 27.09
CA ILE A 47 -12.13 -2.98 26.58
C ILE A 47 -12.11 -3.05 25.05
N ILE A 48 -13.02 -3.84 24.46
CA ILE A 48 -13.08 -4.05 23.02
C ILE A 48 -14.19 -3.15 22.47
N LYS A 49 -13.81 -2.17 21.66
CA LYS A 49 -14.80 -1.24 21.13
C LYS A 49 -15.25 -1.59 19.71
N GLN A 50 -14.46 -2.35 18.97
CA GLN A 50 -14.81 -2.76 17.61
C GLN A 50 -14.79 -4.28 17.52
N PRO A 51 -15.86 -4.96 17.94
CA PRO A 51 -15.91 -6.42 17.82
C PRO A 51 -15.96 -6.86 16.37
N MET A 52 -15.31 -7.99 16.09
CA MET A 52 -15.27 -8.54 14.74
C MET A 52 -15.12 -10.06 14.80
N ASP A 53 -15.87 -10.76 13.95
CA ASP A 53 -15.76 -12.19 13.84
C ASP A 53 -15.80 -12.57 12.37
N MET A 54 -15.40 -13.81 12.09
CA MET A 54 -15.33 -14.33 10.73
C MET A 54 -16.69 -14.45 10.09
N GLY A 55 -17.76 -14.58 10.91
CA GLY A 55 -19.09 -14.63 10.34
C GLY A 55 -19.49 -13.30 9.73
N THR A 56 -19.17 -12.20 10.42
CA THR A 56 -19.44 -10.87 9.89
C THR A 56 -18.64 -10.62 8.62
N ILE A 57 -17.33 -10.92 8.64
CA ILE A 57 -16.51 -10.71 7.46
C ILE A 57 -17.04 -11.51 6.29
N LYS A 58 -17.43 -12.76 6.55
CA LYS A 58 -17.99 -13.61 5.48
C LYS A 58 -19.27 -13.01 4.93
N ARG A 59 -20.18 -12.62 5.82
CA ARG A 59 -21.42 -12.01 5.35
C ARG A 59 -21.14 -10.72 4.59
N ARG A 60 -20.18 -9.92 5.08
CA ARG A 60 -19.79 -8.69 4.38
C ARG A 60 -19.26 -9.00 2.98
N LEU A 61 -18.31 -9.93 2.86
CA LEU A 61 -17.85 -10.34 1.54
C LEU A 61 -19.00 -10.78 0.63
N GLU A 62 -19.96 -11.53 1.16
CA GLU A 62 -21.01 -12.05 0.30
C GLU A 62 -22.05 -10.98 -0.07
N ASN A 63 -22.11 -9.89 0.67
CA ASN A 63 -23.07 -8.82 0.40
C ASN A 63 -22.47 -7.60 -0.28
N ASN A 64 -21.23 -7.66 -0.78
CA ASN A 64 -20.56 -6.51 -1.43
C ASN A 64 -20.45 -5.30 -0.50
N TYR A 65 -20.20 -5.56 0.78
CA TYR A 65 -20.00 -4.47 1.74
C TYR A 65 -18.70 -3.73 1.47
N TYR A 66 -17.66 -4.46 1.08
CA TYR A 66 -16.32 -3.91 1.01
C TYR A 66 -16.07 -3.18 -0.30
N TRP A 67 -15.30 -2.10 -0.22
CA TRP A 67 -14.87 -1.39 -1.41
C TRP A 67 -13.45 -1.73 -1.80
N ALA A 68 -12.70 -2.34 -0.91
CA ALA A 68 -11.26 -2.53 -1.11
C ALA A 68 -10.85 -3.74 -0.31
N ALA A 69 -9.91 -4.50 -0.85
CA ALA A 69 -9.37 -5.65 -0.12
C ALA A 69 -8.84 -5.22 1.26
N SER A 70 -8.22 -4.03 1.35
CA SER A 70 -7.61 -3.63 2.61
C SER A 70 -8.66 -3.41 3.69
N GLU A 71 -9.86 -2.97 3.32
CA GLU A 71 -10.97 -2.96 4.26
C GLU A 71 -11.19 -4.34 4.86
N CYS A 72 -11.36 -5.35 3.99
CA CYS A 72 -11.60 -6.71 4.48
C CYS A 72 -10.41 -7.21 5.30
N MET A 73 -9.19 -6.89 4.87
CA MET A 73 -8.03 -7.22 5.69
C MET A 73 -8.06 -6.52 7.04
N GLN A 74 -8.53 -5.27 7.09
CA GLN A 74 -8.62 -4.57 8.36
C GLN A 74 -9.55 -5.30 9.34
N ASP A 75 -10.69 -5.78 8.85
CA ASP A 75 -11.63 -6.48 9.71
C ASP A 75 -11.01 -7.76 10.28
N PHE A 76 -10.29 -8.53 9.45
CA PHE A 76 -9.53 -9.67 9.97
C PHE A 76 -8.60 -9.23 11.08
N ASN A 77 -7.80 -8.19 10.84
CA ASN A 77 -6.83 -7.72 11.81
C ASN A 77 -7.51 -7.30 13.12
N THR A 78 -8.68 -6.67 13.02
CA THR A 78 -9.39 -6.25 14.22
C THR A 78 -9.79 -7.46 15.06
N MET A 79 -10.28 -8.51 14.38
CA MET A 79 -10.61 -9.78 15.06
C MET A 79 -9.41 -10.35 15.81
N PHE A 80 -8.24 -10.35 15.18
CA PHE A 80 -7.07 -10.91 15.86
C PHE A 80 -6.63 -9.98 16.99
N THR A 81 -6.57 -8.68 16.70
CA THR A 81 -6.09 -7.70 17.67
C THR A 81 -6.97 -7.66 18.92
N ASN A 82 -8.30 -7.66 18.73
CA ASN A 82 -9.21 -7.72 19.87
C ASN A 82 -8.83 -8.86 20.80
N CYS A 83 -8.46 -10.00 20.22
CA CYS A 83 -8.19 -11.19 21.01
C CYS A 83 -6.92 -11.03 21.83
N TYR A 84 -5.85 -10.53 21.21
CA TYR A 84 -4.62 -10.26 21.92
C TYR A 84 -4.78 -9.18 22.98
N ILE A 85 -5.78 -8.32 22.87
CA ILE A 85 -5.88 -7.21 23.79
C ILE A 85 -6.67 -7.61 25.03
N TYR A 86 -7.86 -8.18 24.83
CA TYR A 86 -8.70 -8.53 25.97
C TYR A 86 -8.12 -9.67 26.79
N ASN A 87 -7.21 -10.44 26.25
CA ASN A 87 -6.83 -11.69 26.90
C ASN A 87 -5.41 -11.60 27.42
N LYS A 88 -5.08 -12.52 28.24
CA LYS A 88 -3.80 -12.74 28.87
C LYS A 88 -2.91 -13.55 27.94
N PRO A 89 -1.61 -13.29 27.96
CA PRO A 89 -0.70 -13.84 26.96
C PRO A 89 -0.73 -15.35 26.77
N THR A 90 -1.19 -16.10 27.78
CA THR A 90 -1.10 -17.55 27.78
C THR A 90 -2.44 -18.27 27.63
N ASP A 91 -3.54 -17.53 27.47
CA ASP A 91 -4.81 -18.19 27.18
C ASP A 91 -4.75 -18.93 25.85
N ASP A 92 -5.50 -20.02 25.77
CA ASP A 92 -5.44 -20.83 24.56
C ASP A 92 -5.91 -20.05 23.33
N ILE A 93 -6.90 -19.17 23.51
CA ILE A 93 -7.47 -18.42 22.40
C ILE A 93 -6.43 -17.50 21.78
N VAL A 94 -5.49 -17.01 22.57
CA VAL A 94 -4.43 -16.15 22.04
C VAL A 94 -3.60 -16.93 21.05
N LEU A 95 -3.23 -18.16 21.41
CA LEU A 95 -2.44 -18.98 20.50
C LEU A 95 -3.25 -19.43 19.28
N MET A 96 -4.54 -19.69 19.44
CA MET A 96 -5.32 -20.04 18.27
C MET A 96 -5.44 -18.85 17.30
N ALA A 97 -5.65 -17.64 17.84
CA ALA A 97 -5.65 -16.44 17.01
C ALA A 97 -4.32 -16.26 16.30
N GLN A 98 -3.21 -16.46 17.00
CA GLN A 98 -1.92 -16.34 16.35
C GLN A 98 -1.76 -17.35 15.23
N THR A 99 -2.22 -18.57 15.43
CA THR A 99 -2.11 -19.59 14.39
C THR A 99 -2.92 -19.20 13.16
N LEU A 100 -4.17 -18.77 13.38
CA LEU A 100 -4.99 -18.33 12.27
C LEU A 100 -4.36 -17.14 11.55
N GLU A 101 -3.84 -16.15 12.32
CA GLU A 101 -3.34 -14.92 11.72
C GLU A 101 -2.14 -15.18 10.81
N LYS A 102 -1.26 -16.10 11.19
CA LYS A 102 -0.10 -16.38 10.35
C LYS A 102 -0.53 -16.96 9.00
N ILE A 103 -1.51 -17.88 9.00
CA ILE A 103 -2.06 -18.41 7.76
C ILE A 103 -2.67 -17.29 6.94
N PHE A 104 -3.40 -16.39 7.60
CA PHE A 104 -3.97 -15.23 6.93
C PHE A 104 -2.90 -14.42 6.20
N LEU A 105 -1.77 -14.18 6.86
CA LEU A 105 -0.72 -13.36 6.23
C LEU A 105 -0.01 -14.12 5.12
N GLN A 106 0.20 -15.43 5.32
CA GLN A 106 0.70 -16.28 4.24
C GLN A 106 -0.19 -16.18 3.01
N LYS A 107 -1.50 -16.41 3.18
CA LYS A 107 -2.41 -16.35 2.04
C LYS A 107 -2.41 -14.99 1.38
N VAL A 108 -2.42 -13.92 2.20
CA VAL A 108 -2.48 -12.57 1.67
C VAL A 108 -1.26 -12.26 0.82
N ALA A 109 -0.11 -12.84 1.15
CA ALA A 109 1.07 -12.64 0.33
C ALA A 109 0.89 -13.17 -1.10
N SER A 110 -0.14 -13.98 -1.38
CA SER A 110 -0.42 -14.45 -2.72
C SER A 110 -1.71 -13.90 -3.30
N MET A 111 -2.23 -12.80 -2.76
CA MET A 111 -3.42 -12.17 -3.34
C MET A 111 -3.14 -11.63 -4.74
N PRO A 112 -4.03 -11.86 -5.71
CA PRO A 112 -3.83 -11.29 -7.05
C PRO A 112 -3.80 -9.77 -7.06
N GLN A 113 -3.13 -9.22 -8.06
CA GLN A 113 -3.08 -7.77 -8.26
C GLN A 113 -3.81 -7.33 -9.51
N GLU A 114 -4.57 -8.21 -10.17
CA GLU A 114 -5.36 -7.79 -11.33
C GLU A 114 -6.60 -8.66 -11.44
N GLY B 4 12.99 -13.55 -7.90
CA GLY B 4 12.55 -12.70 -8.99
C GLY B 4 11.21 -12.03 -8.68
N ARG B 5 10.19 -12.87 -8.55
CA ARG B 5 8.95 -12.45 -7.92
C ARG B 5 9.17 -12.19 -6.42
N VAL B 6 9.83 -13.12 -5.74
CA VAL B 6 10.29 -12.89 -4.38
C VAL B 6 11.11 -11.61 -4.29
N THR B 7 11.95 -11.34 -5.30
CA THR B 7 12.79 -10.14 -5.30
C THR B 7 11.94 -8.87 -5.34
N ASN B 8 11.00 -8.79 -6.29
CA ASN B 8 10.12 -7.63 -6.38
C ASN B 8 9.28 -7.44 -5.11
N GLN B 9 8.83 -8.54 -4.51
CA GLN B 9 8.02 -8.47 -3.29
C GLN B 9 8.84 -7.92 -2.12
N LEU B 10 10.06 -8.42 -1.96
CA LEU B 10 10.91 -7.97 -0.87
C LEU B 10 11.39 -6.53 -1.09
N GLN B 11 11.65 -6.14 -2.33
CA GLN B 11 12.01 -4.74 -2.62
C GLN B 11 10.85 -3.80 -2.31
N TYR B 12 9.62 -4.22 -2.64
CA TYR B 12 8.46 -3.41 -2.30
C TYR B 12 8.32 -3.30 -0.79
N LEU B 13 8.59 -4.39 -0.07
CA LEU B 13 8.46 -4.35 1.38
C LEU B 13 9.48 -3.39 1.98
N HIS B 14 10.67 -3.32 1.39
CA HIS B 14 11.73 -2.45 1.87
C HIS B 14 11.52 -1.00 1.44
N LYS B 15 11.18 -0.77 0.17
CA LYS B 15 11.20 0.58 -0.37
C LYS B 15 9.87 1.27 -0.30
N VAL B 16 8.76 0.54 -0.27
CA VAL B 16 7.47 1.20 -0.12
C VAL B 16 6.98 1.03 1.32
N VAL B 17 6.75 -0.21 1.75
CA VAL B 17 6.11 -0.45 3.05
C VAL B 17 7.00 0.03 4.19
N MET B 18 8.22 -0.50 4.26
CA MET B 18 9.09 -0.14 5.37
C MET B 18 9.44 1.35 5.34
N LYS B 19 9.73 1.92 4.17
CA LYS B 19 10.13 3.32 4.18
C LYS B 19 8.99 4.21 4.68
N ALA B 20 7.75 3.89 4.33
CA ALA B 20 6.62 4.69 4.79
C ALA B 20 6.40 4.55 6.30
N LEU B 21 6.45 3.32 6.82
CA LEU B 21 6.31 3.09 8.26
C LEU B 21 7.45 3.74 9.04
N TRP B 22 8.68 3.63 8.53
CA TRP B 22 9.85 4.14 9.25
C TRP B 22 9.76 5.64 9.48
N LYS B 23 9.22 6.40 8.52
CA LYS B 23 9.16 7.86 8.64
C LYS B 23 7.94 8.37 9.38
N HIS B 24 6.96 7.53 9.65
CA HIS B 24 5.73 7.98 10.28
C HIS B 24 6.00 8.53 11.69
N GLN B 25 5.18 9.52 12.10
CA GLN B 25 5.34 10.16 13.40
C GLN B 25 5.28 9.16 14.56
N PHE B 26 4.61 8.03 14.40
CA PHE B 26 4.53 7.04 15.46
C PHE B 26 5.64 5.99 15.40
N ALA B 27 6.60 6.11 14.48
CA ALA B 27 7.53 5.02 14.19
C ALA B 27 8.68 4.92 15.18
N TRP B 28 9.11 6.05 15.78
CA TRP B 28 10.37 6.09 16.52
C TRP B 28 10.49 5.06 17.65
N PRO B 29 9.44 4.67 18.38
CA PRO B 29 9.63 3.61 19.39
C PRO B 29 9.89 2.21 18.80
N PHE B 30 9.72 2.00 17.49
CA PHE B 30 9.93 0.69 16.88
C PHE B 30 11.14 0.67 15.95
N ARG B 31 11.92 1.72 15.89
CA ARG B 31 13.10 1.66 15.02
C ARG B 31 14.22 0.82 15.63
N GLN B 32 14.04 0.32 16.85
CA GLN B 32 15.11 -0.37 17.56
C GLN B 32 14.45 -1.29 18.58
N PRO B 33 15.19 -2.26 19.10
CA PRO B 33 14.59 -3.21 20.05
C PRO B 33 14.15 -2.50 21.33
N VAL B 34 13.05 -3.00 21.89
CA VAL B 34 12.63 -2.62 23.23
C VAL B 34 13.80 -2.84 24.19
N ASP B 35 14.03 -1.86 25.06
CA ASP B 35 15.11 -1.89 26.07
C ASP B 35 14.48 -2.01 27.45
N ALA B 36 14.19 -3.25 27.87
CA ALA B 36 13.31 -3.48 29.03
C ALA B 36 13.90 -2.96 30.34
N VAL B 37 15.23 -2.86 30.44
CA VAL B 37 15.85 -2.31 31.63
C VAL B 37 15.67 -0.79 31.68
N LYS B 38 16.11 -0.09 30.61
CA LYS B 38 15.94 1.37 30.55
C LYS B 38 14.49 1.77 30.70
N LEU B 39 13.58 1.01 30.09
CA LEU B 39 12.16 1.32 30.22
C LEU B 39 11.57 0.81 31.52
N GLY B 40 12.36 0.10 32.34
CA GLY B 40 11.87 -0.49 33.57
C GLY B 40 10.74 -1.46 33.30
N LEU B 41 10.94 -2.37 32.35
CA LEU B 41 9.93 -3.37 31.99
C LEU B 41 10.40 -4.73 32.47
N PRO B 42 10.07 -5.12 33.72
CA PRO B 42 10.63 -6.37 34.29
C PRO B 42 10.24 -7.62 33.52
N ASP B 43 8.93 -7.83 33.37
CA ASP B 43 8.41 -9.04 32.78
C ASP B 43 8.27 -8.95 31.26
N TYR B 44 9.03 -8.07 30.61
CA TYR B 44 8.95 -7.97 29.15
C TYR B 44 9.47 -9.24 28.49
N HIS B 45 10.77 -9.54 28.65
CA HIS B 45 11.39 -10.68 27.97
C HIS B 45 10.92 -12.05 28.49
N LYS B 46 9.88 -12.00 29.32
CA LYS B 46 9.25 -13.20 29.86
C LYS B 46 7.80 -13.35 29.45
N ILE B 47 7.13 -12.28 29.06
CA ILE B 47 5.86 -12.41 28.38
C ILE B 47 6.04 -12.45 26.86
N ILE B 48 7.08 -11.80 26.35
CA ILE B 48 7.36 -11.67 24.91
C ILE B 48 8.55 -12.58 24.61
N LYS B 49 8.33 -13.65 23.86
CA LYS B 49 9.39 -14.60 23.63
C LYS B 49 10.08 -14.43 22.28
N GLN B 50 9.49 -13.70 21.33
CA GLN B 50 10.18 -13.29 20.11
C GLN B 50 10.05 -11.78 19.96
N PRO B 51 11.03 -11.04 20.45
CA PRO B 51 11.02 -9.58 20.21
C PRO B 51 11.36 -9.26 18.77
N MET B 52 10.76 -8.17 18.27
CA MET B 52 10.94 -7.76 16.90
C MET B 52 10.81 -6.25 16.82
N ASP B 53 11.58 -5.64 15.91
CA ASP B 53 11.54 -4.21 15.74
C ASP B 53 11.84 -3.91 14.27
N MET B 54 11.42 -2.73 13.83
CA MET B 54 11.61 -2.32 12.44
C MET B 54 13.08 -2.28 12.05
N GLY B 55 13.99 -2.14 13.03
CA GLY B 55 15.41 -2.10 12.70
C GLY B 55 15.96 -3.46 12.30
N THR B 56 15.54 -4.51 13.00
CA THR B 56 15.92 -5.87 12.62
C THR B 56 15.34 -6.24 11.25
N ILE B 57 14.06 -5.91 11.03
CA ILE B 57 13.41 -6.19 9.75
C ILE B 57 14.14 -5.47 8.63
N LYS B 58 14.47 -4.19 8.83
CA LYS B 58 15.18 -3.43 7.80
C LYS B 58 16.54 -4.07 7.51
N ARG B 59 17.28 -4.38 8.57
CA ARG B 59 18.56 -5.06 8.43
C ARG B 59 18.41 -6.42 7.73
N ARG B 60 17.35 -7.17 8.07
CA ARG B 60 17.10 -8.46 7.42
C ARG B 60 16.80 -8.28 5.93
N LEU B 61 15.91 -7.33 5.59
CA LEU B 61 15.67 -7.03 4.18
C LEU B 61 16.96 -6.63 3.45
N GLU B 62 17.79 -5.80 4.07
CA GLU B 62 18.97 -5.32 3.37
C GLU B 62 20.05 -6.40 3.26
N ASN B 63 19.98 -7.45 4.09
CA ASN B 63 20.99 -8.50 4.11
C ASN B 63 20.53 -9.81 3.47
N ASN B 64 19.42 -9.79 2.72
CA ASN B 64 18.87 -10.97 2.02
C ASN B 64 18.59 -12.15 2.96
N TYR B 65 18.09 -11.83 4.17
CA TYR B 65 17.75 -12.84 5.17
C TYR B 65 16.51 -13.62 4.78
N TYR B 66 15.53 -12.96 4.15
CA TYR B 66 14.21 -13.54 3.92
C TYR B 66 14.15 -14.36 2.65
N TRP B 67 13.40 -15.46 2.70
CA TRP B 67 13.16 -16.29 1.54
C TRP B 67 11.81 -16.03 0.88
N ALA B 68 10.96 -15.23 1.51
CA ALA B 68 9.58 -15.07 1.06
C ALA B 68 9.02 -13.80 1.69
N ALA B 69 8.16 -13.12 0.93
CA ALA B 69 7.54 -11.91 1.43
C ALA B 69 6.82 -12.17 2.76
N SER B 70 6.19 -13.34 2.90
CA SER B 70 5.37 -13.59 4.08
C SER B 70 6.22 -13.78 5.33
N GLU B 71 7.47 -14.20 5.18
CA GLU B 71 8.38 -14.21 6.32
C GLU B 71 8.59 -12.81 6.85
N CYS B 72 8.83 -11.84 5.96
CA CYS B 72 9.00 -10.46 6.42
C CYS B 72 7.68 -9.89 6.97
N MET B 73 6.57 -10.13 6.27
CA MET B 73 5.26 -9.78 6.82
C MET B 73 5.07 -10.39 8.22
N GLN B 74 5.56 -11.61 8.43
CA GLN B 74 5.38 -12.22 9.74
C GLN B 74 6.19 -11.50 10.83
N ASP B 75 7.41 -11.04 10.49
CA ASP B 75 8.21 -10.29 11.46
C ASP B 75 7.51 -9.00 11.86
N PHE B 76 6.99 -8.24 10.87
CA PHE B 76 6.15 -7.08 11.16
C PHE B 76 5.04 -7.44 12.13
N ASN B 77 4.28 -8.49 11.81
CA ASN B 77 3.14 -8.90 12.63
C ASN B 77 3.57 -9.20 14.07
N THR B 78 4.78 -9.74 14.27
CA THR B 78 5.22 -10.10 15.62
C THR B 78 5.49 -8.84 16.46
N MET B 79 6.20 -7.87 15.87
CA MET B 79 6.32 -6.49 16.40
C MET B 79 4.99 -5.95 16.93
N PHE B 80 3.99 -5.85 16.05
CA PHE B 80 2.70 -5.30 16.47
C PHE B 80 2.09 -6.15 17.56
N THR B 81 2.11 -7.47 17.34
CA THR B 81 1.44 -8.38 18.26
C THR B 81 2.09 -8.34 19.64
N ASN B 82 3.42 -8.33 19.70
CA ASN B 82 4.11 -8.20 20.98
C ASN B 82 3.51 -7.06 21.77
N CYS B 83 3.41 -5.91 21.10
CA CYS B 83 2.92 -4.68 21.71
C CYS B 83 1.50 -4.83 22.23
N TYR B 84 0.62 -5.43 21.44
CA TYR B 84 -0.74 -5.70 21.91
C TYR B 84 -0.78 -6.69 23.08
N ILE B 85 0.24 -7.50 23.26
CA ILE B 85 0.14 -8.55 24.27
C ILE B 85 0.65 -8.06 25.61
N TYR B 86 1.79 -7.36 25.60
CA TYR B 86 2.46 -6.92 26.83
C TYR B 86 1.77 -5.74 27.48
N ASN B 87 1.10 -4.89 26.70
CA ASN B 87 0.61 -3.63 27.18
C ASN B 87 -0.89 -3.72 27.46
N LYS B 88 -1.41 -2.65 28.09
CA LYS B 88 -2.80 -2.42 28.43
C LYS B 88 -3.51 -1.69 27.29
N PRO B 89 -4.80 -1.90 27.15
CA PRO B 89 -5.52 -1.41 25.96
C PRO B 89 -5.43 0.10 25.76
N THR B 90 -5.13 0.88 26.80
CA THR B 90 -5.19 2.33 26.73
C THR B 90 -3.81 2.98 26.67
N ASP B 91 -2.75 2.19 26.70
CA ASP B 91 -1.42 2.76 26.55
C ASP B 91 -1.28 3.44 25.19
N ASP B 92 -0.47 4.51 25.18
CA ASP B 92 -0.28 5.25 23.94
C ASP B 92 0.36 4.36 22.88
N ILE B 93 1.27 3.47 23.30
CA ILE B 93 2.00 2.65 22.36
C ILE B 93 1.06 1.70 21.64
N VAL B 94 -0.04 1.31 22.28
CA VAL B 94 -0.94 0.36 21.65
C VAL B 94 -1.62 1.02 20.45
N LEU B 95 -2.04 2.27 20.61
CA LEU B 95 -2.64 2.98 19.49
C LEU B 95 -1.61 3.34 18.42
N MET B 96 -0.37 3.60 18.83
CA MET B 96 0.69 3.87 17.87
C MET B 96 0.93 2.64 16.98
N ALA B 97 1.07 1.46 17.61
CA ALA B 97 1.16 0.20 16.88
C ALA B 97 -0.02 -0.02 15.95
N GLN B 98 -1.23 0.24 16.44
CA GLN B 98 -2.42 0.01 15.62
C GLN B 98 -2.45 0.93 14.41
N THR B 99 -2.03 2.18 14.59
CA THR B 99 -1.95 3.10 13.46
C THR B 99 -0.96 2.59 12.41
N LEU B 100 0.19 2.10 12.87
CA LEU B 100 1.21 1.65 11.95
C LEU B 100 0.78 0.37 11.25
N GLU B 101 0.13 -0.56 11.98
CA GLU B 101 -0.32 -1.82 11.39
C GLU B 101 -1.36 -1.60 10.31
N LYS B 102 -2.23 -0.61 10.48
CA LYS B 102 -3.26 -0.33 9.48
C LYS B 102 -2.62 0.10 8.16
N ILE B 103 -1.65 1.03 8.22
CA ILE B 103 -0.88 1.43 7.03
C ILE B 103 -0.18 0.22 6.41
N PHE B 104 0.45 -0.61 7.25
CA PHE B 104 1.15 -1.82 6.78
C PHE B 104 0.20 -2.73 6.01
N LEU B 105 -0.99 -2.96 6.54
CA LEU B 105 -1.95 -3.79 5.82
C LEU B 105 -2.40 -3.11 4.54
N GLN B 106 -2.59 -1.78 4.59
CA GLN B 106 -2.98 -1.05 3.40
C GLN B 106 -1.94 -1.21 2.31
N LYS B 107 -0.65 -1.11 2.67
CA LYS B 107 0.41 -1.22 1.68
C LYS B 107 0.55 -2.64 1.13
N VAL B 108 0.42 -3.67 1.99
CA VAL B 108 0.61 -5.02 1.48
C VAL B 108 -0.51 -5.39 0.51
N ALA B 109 -1.68 -4.76 0.64
CA ALA B 109 -2.72 -5.00 -0.35
C ALA B 109 -2.31 -4.59 -1.78
N SER B 110 -1.26 -3.76 -1.94
CA SER B 110 -0.76 -3.42 -3.27
C SER B 110 0.62 -3.99 -3.54
N MET B 111 1.02 -5.04 -2.83
CA MET B 111 2.30 -5.68 -3.13
C MET B 111 2.26 -6.31 -4.53
N PRO B 112 3.31 -6.14 -5.34
CA PRO B 112 3.36 -6.82 -6.65
C PRO B 112 3.29 -8.33 -6.52
N GLN B 113 2.90 -8.98 -7.63
CA GLN B 113 2.78 -10.43 -7.67
C GLN B 113 3.67 -11.10 -8.72
N GLU B 114 4.32 -10.35 -9.62
CA GLU B 114 5.20 -10.95 -10.63
C GLU B 114 6.67 -10.70 -10.27
N GLY C 4 13.67 -39.58 -6.82
CA GLY C 4 13.23 -40.65 -5.95
C GLY C 4 13.73 -40.49 -4.52
N ARG C 5 14.78 -41.24 -4.18
CA ARG C 5 15.49 -40.92 -2.95
C ARG C 5 16.33 -39.67 -3.13
N VAL C 6 16.82 -39.44 -4.36
CA VAL C 6 17.63 -38.26 -4.64
C VAL C 6 16.82 -36.98 -4.45
N THR C 7 15.59 -36.97 -4.96
CA THR C 7 14.74 -35.79 -4.79
C THR C 7 14.44 -35.54 -3.32
N ASN C 8 14.28 -36.61 -2.53
CA ASN C 8 14.01 -36.46 -1.11
C ASN C 8 15.20 -35.84 -0.38
N GLN C 9 16.41 -36.28 -0.72
CA GLN C 9 17.58 -35.79 -0.03
C GLN C 9 17.87 -34.32 -0.34
N LEU C 10 17.52 -33.88 -1.55
CA LEU C 10 17.79 -32.49 -1.93
C LEU C 10 16.74 -31.55 -1.37
N GLN C 11 15.48 -31.99 -1.31
CA GLN C 11 14.47 -31.19 -0.62
C GLN C 11 14.85 -31.00 0.85
N TYR C 12 15.50 -31.99 1.44
CA TYR C 12 15.94 -31.88 2.81
C TYR C 12 17.10 -30.90 2.92
N LEU C 13 18.09 -31.06 2.04
CA LEU C 13 19.22 -30.14 2.01
C LEU C 13 18.76 -28.70 1.84
N HIS C 14 17.66 -28.51 1.12
CA HIS C 14 17.17 -27.19 0.81
C HIS C 14 16.32 -26.61 1.95
N LYS C 15 15.32 -27.37 2.37
CA LYS C 15 14.31 -26.85 3.29
C LYS C 15 14.69 -26.99 4.76
N VAL C 16 15.62 -27.88 5.08
CA VAL C 16 16.08 -28.07 6.44
C VAL C 16 17.50 -27.54 6.62
N VAL C 17 18.45 -28.07 5.86
CA VAL C 17 19.86 -27.71 6.09
C VAL C 17 20.11 -26.26 5.70
N MET C 18 19.92 -25.93 4.42
CA MET C 18 20.12 -24.58 3.93
C MET C 18 19.28 -23.59 4.72
N LYS C 19 18.03 -23.94 5.01
CA LYS C 19 17.15 -23.03 5.71
C LYS C 19 17.75 -22.65 7.07
N ALA C 20 18.28 -23.63 7.80
CA ALA C 20 18.86 -23.32 9.11
C ALA C 20 20.13 -22.51 8.96
N LEU C 21 21.00 -22.88 8.02
CA LEU C 21 22.28 -22.20 7.88
C LEU C 21 22.09 -20.75 7.43
N TRP C 22 21.12 -20.52 6.53
CA TRP C 22 20.98 -19.22 5.91
C TRP C 22 20.59 -18.17 6.93
N LYS C 23 19.78 -18.54 7.91
CA LYS C 23 19.24 -17.59 8.85
C LYS C 23 19.98 -17.56 10.18
N HIS C 24 20.97 -18.42 10.36
CA HIS C 24 21.85 -18.30 11.51
C HIS C 24 22.54 -16.94 11.51
N GLN C 25 22.90 -16.49 12.72
CA GLN C 25 23.47 -15.16 12.97
C GLN C 25 24.82 -14.95 12.31
N PHE C 26 25.50 -16.03 11.88
CA PHE C 26 26.82 -15.93 11.26
C PHE C 26 26.79 -15.96 9.74
N ALA C 27 25.61 -16.13 9.13
CA ALA C 27 25.45 -16.51 7.73
C ALA C 27 25.70 -15.39 6.74
N TRP C 28 25.57 -14.14 7.18
CA TRP C 28 25.44 -13.04 6.24
C TRP C 28 26.64 -12.84 5.31
N PRO C 29 27.89 -13.06 5.70
CA PRO C 29 28.97 -12.91 4.72
C PRO C 29 29.06 -14.07 3.72
N PHE C 30 28.37 -15.18 3.99
CA PHE C 30 28.32 -16.32 3.08
C PHE C 30 27.07 -16.35 2.19
N ARG C 31 26.18 -15.37 2.30
CA ARG C 31 24.96 -15.37 1.48
C ARG C 31 25.19 -14.94 0.03
N GLN C 32 26.40 -14.56 -0.34
CA GLN C 32 26.71 -14.09 -1.68
C GLN C 32 28.20 -14.29 -1.89
N PRO C 33 28.69 -14.26 -3.13
CA PRO C 33 30.12 -14.49 -3.36
C PRO C 33 31.01 -13.51 -2.62
N VAL C 34 32.20 -14.00 -2.25
CA VAL C 34 33.22 -13.15 -1.68
C VAL C 34 33.57 -12.06 -2.68
N ASP C 35 33.71 -10.83 -2.20
CA ASP C 35 34.01 -9.70 -3.08
C ASP C 35 35.40 -9.17 -2.73
N ALA C 36 36.43 -9.81 -3.28
CA ALA C 36 37.81 -9.53 -2.88
C ALA C 36 38.24 -8.11 -3.26
N VAL C 37 37.85 -7.65 -4.45
CA VAL C 37 38.17 -6.29 -4.88
C VAL C 37 37.63 -5.28 -3.88
N LYS C 38 36.38 -5.46 -3.46
CA LYS C 38 35.69 -4.53 -2.58
C LYS C 38 35.65 -5.04 -1.15
N LEU C 39 36.72 -5.73 -0.72
CA LEU C 39 36.88 -6.23 0.62
C LEU C 39 38.33 -6.17 1.06
N GLY C 40 39.24 -5.79 0.17
CA GLY C 40 40.63 -5.67 0.55
C GLY C 40 41.43 -6.93 0.46
N LEU C 41 41.03 -7.87 -0.41
CA LEU C 41 41.71 -9.14 -0.56
C LEU C 41 42.25 -9.24 -1.98
N PRO C 42 43.30 -8.49 -2.31
CA PRO C 42 43.80 -8.46 -3.69
C PRO C 42 44.39 -9.79 -4.15
N ASP C 43 44.49 -10.79 -3.27
CA ASP C 43 45.06 -12.08 -3.60
C ASP C 43 44.08 -13.24 -3.52
N TYR C 44 42.80 -13.00 -3.19
CA TYR C 44 41.87 -14.08 -2.89
C TYR C 44 41.78 -15.07 -4.05
N HIS C 45 41.74 -14.57 -5.27
CA HIS C 45 41.55 -15.43 -6.44
C HIS C 45 42.84 -16.00 -6.98
N LYS C 46 44.00 -15.56 -6.48
CA LYS C 46 45.21 -16.33 -6.66
C LYS C 46 45.12 -17.65 -5.88
N ILE C 47 44.60 -17.60 -4.66
CA ILE C 47 44.59 -18.77 -3.80
C ILE C 47 43.33 -19.61 -3.97
N ILE C 48 42.21 -18.99 -4.31
CA ILE C 48 40.92 -19.67 -4.38
C ILE C 48 40.48 -19.66 -5.85
N LYS C 49 40.43 -20.86 -6.46
CA LYS C 49 40.04 -21.05 -7.86
C LYS C 49 38.59 -21.49 -8.03
N GLN C 50 37.95 -21.95 -6.95
CA GLN C 50 36.55 -22.37 -6.97
C GLN C 50 35.82 -21.68 -5.84
N PRO C 51 35.51 -20.39 -5.99
CA PRO C 51 34.71 -19.70 -4.96
C PRO C 51 33.32 -20.33 -4.85
N MET C 52 32.77 -20.29 -3.64
CA MET C 52 31.50 -20.95 -3.36
C MET C 52 30.82 -20.20 -2.23
N ASP C 53 29.53 -19.95 -2.38
CA ASP C 53 28.74 -19.26 -1.38
C ASP C 53 27.38 -19.94 -1.25
N MET C 54 26.68 -19.60 -0.16
CA MET C 54 25.36 -20.17 0.07
C MET C 54 24.29 -19.67 -0.91
N GLY C 55 24.48 -18.49 -1.50
CA GLY C 55 23.52 -18.03 -2.50
C GLY C 55 23.57 -18.87 -3.76
N THR C 56 24.78 -19.14 -4.25
CA THR C 56 24.96 -20.04 -5.37
C THR C 56 24.37 -21.43 -5.07
N ILE C 57 24.62 -21.96 -3.87
CA ILE C 57 24.09 -23.29 -3.53
C ILE C 57 22.57 -23.27 -3.48
N LYS C 58 21.99 -22.23 -2.88
CA LYS C 58 20.53 -22.08 -2.83
C LYS C 58 19.94 -21.91 -4.24
N ARG C 59 20.58 -21.09 -5.06
CA ARG C 59 20.16 -20.96 -6.45
C ARG C 59 20.25 -22.29 -7.18
N ARG C 60 21.34 -23.03 -6.97
CA ARG C 60 21.48 -24.34 -7.61
C ARG C 60 20.43 -25.31 -7.11
N LEU C 61 20.11 -25.28 -5.81
CA LEU C 61 19.06 -26.15 -5.30
C LEU C 61 17.73 -25.81 -5.94
N GLU C 62 17.47 -24.52 -6.16
CA GLU C 62 16.19 -24.06 -6.65
C GLU C 62 16.06 -24.29 -8.15
N ASN C 63 17.16 -24.25 -8.88
CA ASN C 63 17.15 -24.44 -10.33
C ASN C 63 17.28 -25.90 -10.75
N ASN C 64 17.24 -26.85 -9.82
CA ASN C 64 17.43 -28.28 -10.12
C ASN C 64 18.78 -28.57 -10.77
N TYR C 65 19.83 -27.93 -10.27
CA TYR C 65 21.17 -28.11 -10.83
C TYR C 65 21.77 -29.45 -10.44
N TYR C 66 21.53 -29.88 -9.20
CA TYR C 66 22.21 -31.04 -8.65
C TYR C 66 21.59 -32.35 -9.13
N TRP C 67 22.45 -33.33 -9.39
CA TRP C 67 22.01 -34.68 -9.72
C TRP C 67 21.98 -35.59 -8.51
N ALA C 68 22.82 -35.33 -7.50
CA ALA C 68 22.83 -36.12 -6.29
C ALA C 68 23.03 -35.22 -5.07
N ALA C 69 22.55 -35.69 -3.92
CA ALA C 69 22.74 -34.95 -2.67
C ALA C 69 24.22 -34.72 -2.38
N SER C 70 25.08 -35.65 -2.79
CA SER C 70 26.50 -35.51 -2.51
C SER C 70 27.09 -34.31 -3.23
N GLU C 71 26.54 -33.97 -4.41
CA GLU C 71 27.05 -32.82 -5.15
C GLU C 71 26.79 -31.53 -4.38
N CYS C 72 25.60 -31.38 -3.82
CA CYS C 72 25.30 -30.19 -3.04
C CYS C 72 26.13 -30.17 -1.77
N MET C 73 26.36 -31.34 -1.17
CA MET C 73 27.20 -31.45 0.01
C MET C 73 28.66 -31.09 -0.29
N GLN C 74 29.14 -31.41 -1.49
CA GLN C 74 30.49 -31.00 -1.88
C GLN C 74 30.62 -29.47 -1.99
N ASP C 75 29.55 -28.80 -2.40
CA ASP C 75 29.58 -27.35 -2.56
C ASP C 75 29.69 -26.67 -1.21
N PHE C 76 28.90 -27.13 -0.24
CA PHE C 76 29.02 -26.68 1.13
C PHE C 76 30.46 -26.83 1.61
N ASN C 77 31.04 -28.01 1.37
CA ASN C 77 32.39 -28.27 1.82
C ASN C 77 33.42 -27.37 1.13
N THR C 78 33.18 -27.00 -0.13
CA THR C 78 34.09 -26.06 -0.80
C THR C 78 33.99 -24.65 -0.21
N MET C 79 32.80 -24.23 0.22
CA MET C 79 32.69 -22.94 0.90
C MET C 79 33.45 -22.97 2.23
N PHE C 80 33.16 -23.96 3.09
CA PHE C 80 33.85 -24.03 4.38
C PHE C 80 35.36 -24.07 4.18
N THR C 81 35.84 -25.09 3.45
CA THR C 81 37.28 -25.26 3.32
C THR C 81 37.94 -24.08 2.63
N ASN C 82 37.26 -23.43 1.67
CA ASN C 82 37.81 -22.21 1.07
C ASN C 82 38.14 -21.16 2.11
N CYS C 83 37.28 -21.02 3.11
CA CYS C 83 37.53 -20.06 4.17
C CYS C 83 38.70 -20.51 5.04
N TYR C 84 38.69 -21.78 5.45
CA TYR C 84 39.79 -22.31 6.24
C TYR C 84 41.13 -22.20 5.52
N ILE C 85 41.12 -22.06 4.19
CA ILE C 85 42.35 -22.02 3.42
C ILE C 85 42.91 -20.61 3.33
N TYR C 86 42.09 -19.65 2.90
CA TYR C 86 42.59 -18.30 2.70
C TYR C 86 42.90 -17.56 3.99
N ASN C 87 42.49 -18.06 5.15
CA ASN C 87 42.54 -17.30 6.39
C ASN C 87 43.34 -18.03 7.45
N LYS C 88 43.82 -17.24 8.43
CA LYS C 88 44.45 -17.79 9.63
C LYS C 88 43.40 -18.49 10.47
N PRO C 89 43.78 -19.51 11.24
CA PRO C 89 42.79 -20.26 12.02
C PRO C 89 42.25 -19.51 13.24
N THR C 90 42.53 -18.22 13.36
CA THR C 90 42.00 -17.41 14.45
C THR C 90 41.28 -16.16 13.98
N ASP C 91 41.19 -15.93 12.66
CA ASP C 91 40.34 -14.85 12.16
C ASP C 91 38.89 -15.11 12.56
N ASP C 92 38.13 -14.03 12.68
CA ASP C 92 36.73 -14.19 13.07
C ASP C 92 35.97 -15.06 12.06
N ILE C 93 36.17 -14.77 10.76
CA ILE C 93 35.45 -15.45 9.69
C ILE C 93 35.63 -16.97 9.78
N VAL C 94 36.78 -17.44 10.27
CA VAL C 94 36.98 -18.89 10.40
C VAL C 94 36.06 -19.45 11.48
N LEU C 95 35.92 -18.74 12.61
CA LEU C 95 35.10 -19.32 13.68
C LEU C 95 33.64 -19.29 13.31
N MET C 96 33.20 -18.26 12.59
CA MET C 96 31.84 -18.28 12.05
C MET C 96 31.64 -19.49 11.13
N ALA C 97 32.58 -19.69 10.19
CA ALA C 97 32.55 -20.86 9.30
C ALA C 97 32.41 -22.16 10.08
N GLN C 98 33.30 -22.39 11.04
CA GLN C 98 33.26 -23.63 11.79
C GLN C 98 31.94 -23.77 12.55
N THR C 99 31.37 -22.64 12.99
CA THR C 99 30.08 -22.69 13.67
C THR C 99 28.99 -23.15 12.71
N LEU C 100 28.92 -22.49 11.54
CA LEU C 100 28.01 -22.93 10.50
C LEU C 100 28.28 -24.38 10.09
N GLU C 101 29.55 -24.76 9.98
CA GLU C 101 29.86 -26.12 9.56
C GLU C 101 29.36 -27.14 10.58
N LYS C 102 29.44 -26.82 11.86
CA LYS C 102 28.97 -27.78 12.86
C LYS C 102 27.45 -27.95 12.79
N ILE C 103 26.73 -26.84 12.58
CA ILE C 103 25.29 -26.93 12.37
C ILE C 103 24.99 -27.72 11.11
N PHE C 104 25.79 -27.50 10.06
CA PHE C 104 25.64 -28.27 8.83
C PHE C 104 25.71 -29.77 9.09
N LEU C 105 26.82 -30.22 9.68
CA LEU C 105 27.00 -31.66 9.91
C LEU C 105 25.91 -32.21 10.82
N GLN C 106 25.49 -31.44 11.82
CA GLN C 106 24.41 -31.89 12.69
C GLN C 106 23.15 -32.16 11.87
N LYS C 107 22.69 -31.15 11.10
CA LYS C 107 21.47 -31.31 10.34
C LYS C 107 21.60 -32.39 9.26
N VAL C 108 22.79 -32.52 8.65
CA VAL C 108 22.99 -33.53 7.62
C VAL C 108 22.83 -34.94 8.22
N ALA C 109 23.33 -35.13 9.44
CA ALA C 109 23.25 -36.43 10.11
C ALA C 109 21.83 -37.00 10.12
N SER C 110 20.82 -36.13 10.06
CA SER C 110 19.42 -36.54 10.14
C SER C 110 18.72 -36.57 8.78
N MET C 111 19.46 -36.73 7.70
CA MET C 111 18.83 -36.65 6.39
C MET C 111 18.21 -37.98 5.99
N PRO C 112 16.99 -37.96 5.43
CA PRO C 112 16.32 -39.21 5.04
C PRO C 112 17.17 -40.05 4.10
N GLN C 113 17.16 -41.36 4.31
CA GLN C 113 17.86 -42.29 3.43
C GLN C 113 16.92 -42.95 2.41
N GLU C 114 15.61 -42.83 2.59
CA GLU C 114 14.64 -43.30 1.61
C GLU C 114 14.40 -42.25 0.52
N GLY D 4 -13.74 21.56 -11.41
CA GLY D 4 -13.35 22.45 -10.32
C GLY D 4 -14.29 22.33 -9.14
N ARG D 5 -15.43 23.00 -9.23
CA ARG D 5 -16.47 22.79 -8.22
C ARG D 5 -17.21 21.48 -8.46
N VAL D 6 -17.57 21.18 -9.72
CA VAL D 6 -18.22 19.91 -10.02
C VAL D 6 -17.37 18.73 -9.60
N THR D 7 -16.04 18.83 -9.78
CA THR D 7 -15.16 17.74 -9.36
C THR D 7 -15.16 17.58 -7.84
N ASN D 8 -15.13 18.67 -7.09
CA ASN D 8 -15.11 18.56 -5.63
C ASN D 8 -16.42 17.99 -5.11
N GLN D 9 -17.54 18.44 -5.66
CA GLN D 9 -18.83 17.97 -5.21
C GLN D 9 -19.01 16.49 -5.51
N LEU D 10 -18.41 16.00 -6.59
CA LEU D 10 -18.60 14.61 -6.94
C LEU D 10 -17.70 13.68 -6.14
N GLN D 11 -16.47 14.13 -5.79
CA GLN D 11 -15.66 13.33 -4.87
C GLN D 11 -16.31 13.24 -3.50
N TYR D 12 -16.95 14.31 -3.05
CA TYR D 12 -17.65 14.28 -1.78
C TYR D 12 -18.81 13.28 -1.84
N LEU D 13 -19.63 13.40 -2.89
CA LEU D 13 -20.74 12.48 -3.09
C LEU D 13 -20.28 11.03 -3.06
N HIS D 14 -19.07 10.78 -3.57
CA HIS D 14 -18.54 9.44 -3.66
C HIS D 14 -17.87 9.00 -2.36
N LYS D 15 -16.83 9.73 -1.95
CA LYS D 15 -16.03 9.32 -0.81
C LYS D 15 -16.70 9.57 0.54
N VAL D 16 -17.61 10.54 0.62
CA VAL D 16 -18.31 10.83 1.88
C VAL D 16 -19.73 10.27 1.87
N VAL D 17 -20.57 10.75 0.94
CA VAL D 17 -22.00 10.43 0.99
C VAL D 17 -22.21 8.94 0.72
N MET D 18 -21.77 8.49 -0.45
CA MET D 18 -21.94 7.09 -0.84
C MET D 18 -21.27 6.15 0.16
N LYS D 19 -20.09 6.51 0.67
CA LYS D 19 -19.42 5.60 1.59
C LYS D 19 -20.22 5.42 2.88
N ALA D 20 -20.80 6.50 3.41
CA ALA D 20 -21.65 6.36 4.58
C ALA D 20 -22.85 5.49 4.27
N LEU D 21 -23.55 5.80 3.18
CA LEU D 21 -24.79 5.08 2.86
C LEU D 21 -24.52 3.61 2.57
N TRP D 22 -23.43 3.33 1.83
CA TRP D 22 -23.20 1.97 1.35
C TRP D 22 -23.01 0.99 2.50
N LYS D 23 -22.36 1.43 3.58
CA LYS D 23 -22.00 0.53 4.66
C LYS D 23 -22.97 0.58 5.83
N HIS D 24 -24.05 1.36 5.71
CA HIS D 24 -25.12 1.32 6.69
C HIS D 24 -25.76 -0.05 6.72
N GLN D 25 -26.30 -0.41 7.89
CA GLN D 25 -26.89 -1.73 8.09
C GLN D 25 -28.12 -1.98 7.22
N PHE D 26 -28.73 -0.91 6.69
CA PHE D 26 -29.91 -1.04 5.85
C PHE D 26 -29.60 -1.05 4.37
N ALA D 27 -28.34 -0.91 3.98
CA ALA D 27 -27.95 -0.61 2.60
C ALA D 27 -28.03 -1.80 1.66
N TRP D 28 -27.99 -3.01 2.20
CA TRP D 28 -27.74 -4.19 1.38
C TRP D 28 -28.82 -4.49 0.34
N PRO D 29 -30.11 -4.23 0.55
CA PRO D 29 -31.07 -4.42 -0.56
C PRO D 29 -30.95 -3.36 -1.67
N PHE D 30 -30.24 -2.26 -1.40
CA PHE D 30 -30.06 -1.20 -2.38
C PHE D 30 -28.69 -1.23 -3.07
N ARG D 31 -27.85 -2.21 -2.75
CA ARG D 31 -26.51 -2.28 -3.33
C ARG D 31 -26.48 -2.83 -4.76
N GLN D 32 -27.62 -3.24 -5.31
CA GLN D 32 -27.69 -3.81 -6.63
C GLN D 32 -29.13 -3.72 -7.09
N PRO D 33 -29.38 -3.84 -8.39
CA PRO D 33 -30.75 -3.63 -8.89
C PRO D 33 -31.77 -4.55 -8.25
N VAL D 34 -32.98 -4.01 -8.02
CA VAL D 34 -34.12 -4.83 -7.65
C VAL D 34 -34.30 -5.93 -8.68
N ASP D 35 -34.50 -7.15 -8.21
CA ASP D 35 -34.72 -8.32 -9.08
C ASP D 35 -36.15 -8.80 -8.85
N ALA D 36 -37.08 -8.29 -9.67
CA ALA D 36 -38.48 -8.61 -9.47
C ALA D 36 -38.78 -10.08 -9.76
N VAL D 37 -38.04 -10.68 -10.69
CA VAL D 37 -38.19 -12.11 -10.96
C VAL D 37 -37.93 -12.93 -9.70
N LYS D 38 -36.82 -12.66 -9.02
CA LYS D 38 -36.46 -13.47 -7.87
C LYS D 38 -37.26 -13.06 -6.63
N LEU D 39 -37.41 -11.77 -6.39
CA LEU D 39 -38.13 -11.31 -5.21
C LEU D 39 -39.62 -11.64 -5.26
N GLY D 40 -40.13 -12.05 -6.42
CA GLY D 40 -41.56 -12.30 -6.56
C GLY D 40 -42.38 -11.02 -6.59
N LEU D 41 -42.01 -10.08 -7.46
CA LEU D 41 -42.79 -8.87 -7.72
C LEU D 41 -43.05 -8.80 -9.21
N PRO D 42 -44.08 -9.51 -9.70
CA PRO D 42 -44.30 -9.56 -11.16
C PRO D 42 -44.82 -8.25 -11.73
N ASP D 43 -45.13 -7.28 -10.88
CA ASP D 43 -45.67 -5.98 -11.27
C ASP D 43 -44.63 -4.87 -11.26
N TYR D 44 -43.41 -5.14 -10.77
CA TYR D 44 -42.48 -4.07 -10.39
C TYR D 44 -42.16 -3.17 -11.57
N HIS D 45 -41.77 -3.77 -12.71
CA HIS D 45 -41.35 -2.98 -13.86
C HIS D 45 -42.52 -2.39 -14.63
N LYS D 46 -43.73 -2.90 -14.42
CA LYS D 46 -44.92 -2.19 -14.90
C LYS D 46 -45.01 -0.82 -14.22
N ILE D 47 -44.74 -0.76 -12.93
CA ILE D 47 -44.90 0.47 -12.14
C ILE D 47 -43.65 1.34 -12.13
N ILE D 48 -42.47 0.75 -12.18
CA ILE D 48 -41.20 1.47 -12.10
C ILE D 48 -40.54 1.35 -13.46
N LYS D 49 -40.42 2.47 -14.17
CA LYS D 49 -39.82 2.48 -15.50
C LYS D 49 -38.39 3.01 -15.50
N GLN D 50 -37.92 3.51 -14.35
CA GLN D 50 -36.54 3.98 -14.18
C GLN D 50 -35.98 3.40 -12.89
N PRO D 51 -35.66 2.10 -12.87
CA PRO D 51 -35.01 1.53 -11.68
C PRO D 51 -33.62 2.12 -11.46
N MET D 52 -33.25 2.23 -10.19
CA MET D 52 -32.00 2.86 -9.80
C MET D 52 -31.53 2.20 -8.52
N ASP D 53 -30.22 2.05 -8.37
CA ASP D 53 -29.65 1.47 -7.17
C ASP D 53 -28.31 2.11 -6.86
N MET D 54 -27.86 1.92 -5.62
CA MET D 54 -26.58 2.48 -5.20
C MET D 54 -25.40 1.85 -5.93
N GLY D 55 -25.55 0.61 -6.40
CA GLY D 55 -24.48 0.00 -7.18
C GLY D 55 -24.29 0.70 -8.50
N THR D 56 -25.38 0.93 -9.22
CA THR D 56 -25.34 1.75 -10.42
C THR D 56 -24.80 3.16 -10.14
N ILE D 57 -25.26 3.81 -9.06
CA ILE D 57 -24.80 5.18 -8.80
C ILE D 57 -23.30 5.21 -8.52
N LYS D 58 -22.80 4.24 -7.75
CA LYS D 58 -21.38 4.17 -7.45
C LYS D 58 -20.56 3.83 -8.69
N ARG D 59 -21.05 2.93 -9.53
CA ARG D 59 -20.36 2.66 -10.79
C ARG D 59 -20.35 3.91 -11.67
N ARG D 60 -21.44 4.66 -11.67
CA ARG D 60 -21.46 5.91 -12.42
C ARG D 60 -20.47 6.93 -11.85
N LEU D 61 -20.38 7.03 -10.53
CA LEU D 61 -19.40 7.93 -9.94
C LEU D 61 -17.97 7.53 -10.30
N GLU D 62 -17.71 6.23 -10.32
CA GLU D 62 -16.35 5.78 -10.55
C GLU D 62 -15.96 5.89 -12.02
N ASN D 63 -16.91 5.73 -12.94
CA ASN D 63 -16.68 5.80 -14.37
C ASN D 63 -16.79 7.21 -14.95
N ASN D 64 -16.98 8.24 -14.11
CA ASN D 64 -17.06 9.65 -14.53
C ASN D 64 -18.24 9.91 -15.46
N TYR D 65 -19.40 9.34 -15.11
CA TYR D 65 -20.61 9.47 -15.90
C TYR D 65 -21.27 10.83 -15.69
N TYR D 66 -21.31 11.29 -14.44
CA TYR D 66 -22.02 12.51 -14.10
C TYR D 66 -21.28 13.77 -14.56
N TRP D 67 -22.04 14.71 -15.12
CA TRP D 67 -21.52 16.02 -15.49
C TRP D 67 -21.71 17.06 -14.39
N ALA D 68 -22.66 16.85 -13.48
CA ALA D 68 -22.89 17.75 -12.35
C ALA D 68 -23.33 16.93 -11.15
N ALA D 69 -23.10 17.51 -9.97
CA ALA D 69 -23.49 16.84 -8.73
C ALA D 69 -25.00 16.60 -8.66
N SER D 70 -25.79 17.44 -9.33
CA SER D 70 -27.23 17.32 -9.24
C SER D 70 -27.72 16.07 -9.96
N GLU D 71 -27.05 15.69 -11.06
CA GLU D 71 -27.40 14.46 -11.75
C GLU D 71 -27.28 13.26 -10.80
N CYS D 72 -26.19 13.19 -10.05
CA CYS D 72 -26.03 12.11 -9.09
C CYS D 72 -27.08 12.18 -8.00
N MET D 73 -27.30 13.38 -7.44
CA MET D 73 -28.35 13.60 -6.46
C MET D 73 -29.71 13.17 -6.97
N GLN D 74 -29.96 13.36 -8.26
CA GLN D 74 -31.24 12.92 -8.84
C GLN D 74 -31.32 11.40 -8.90
N ASP D 75 -30.20 10.71 -9.10
CA ASP D 75 -30.24 9.26 -9.11
C ASP D 75 -30.60 8.72 -7.74
N PHE D 76 -30.02 9.32 -6.69
CA PHE D 76 -30.37 8.97 -5.32
C PHE D 76 -31.87 9.17 -5.09
N ASN D 77 -32.38 10.33 -5.47
CA ASN D 77 -33.80 10.62 -5.31
C ASN D 77 -34.68 9.59 -6.03
N THR D 78 -34.29 9.20 -7.24
CA THR D 78 -35.06 8.19 -7.97
C THR D 78 -35.07 6.87 -7.23
N MET D 79 -33.96 6.50 -6.60
CA MET D 79 -33.94 5.27 -5.80
C MET D 79 -34.95 5.36 -4.66
N PHE D 80 -34.79 6.34 -3.78
CA PHE D 80 -35.69 6.46 -2.64
C PHE D 80 -37.15 6.48 -3.09
N THR D 81 -37.49 7.42 -3.98
CA THR D 81 -38.88 7.57 -4.39
C THR D 81 -39.42 6.34 -5.10
N ASN D 82 -38.58 5.60 -5.85
CA ASN D 82 -39.05 4.35 -6.44
C ASN D 82 -39.57 3.40 -5.37
N CYS D 83 -38.88 3.33 -4.23
CA CYS D 83 -39.32 2.49 -3.12
C CYS D 83 -40.63 3.00 -2.52
N TYR D 84 -40.64 4.29 -2.15
CA TYR D 84 -41.84 4.93 -1.64
C TYR D 84 -43.03 4.78 -2.59
N ILE D 85 -42.78 4.61 -3.89
CA ILE D 85 -43.88 4.52 -4.86
C ILE D 85 -44.41 3.09 -4.93
N TYR D 86 -43.52 2.13 -5.14
CA TYR D 86 -43.99 0.77 -5.34
C TYR D 86 -44.56 0.11 -4.09
N ASN D 87 -44.39 0.71 -2.92
CA ASN D 87 -44.62 -0.01 -1.67
C ASN D 87 -45.60 0.73 -0.76
N LYS D 88 -46.24 -0.05 0.10
CA LYS D 88 -47.06 0.50 1.17
C LYS D 88 -46.17 1.33 2.09
N PRO D 89 -46.69 2.42 2.67
CA PRO D 89 -45.82 3.32 3.43
C PRO D 89 -45.43 2.78 4.80
N THR D 90 -45.63 1.48 5.01
CA THR D 90 -45.29 0.84 6.26
C THR D 90 -44.55 -0.49 6.09
N ASP D 91 -44.23 -0.87 4.85
CA ASP D 91 -43.30 -1.98 4.66
C ASP D 91 -41.92 -1.60 5.18
N ASP D 92 -41.21 -2.58 5.74
CA ASP D 92 -39.88 -2.32 6.30
C ASP D 92 -38.97 -1.64 5.30
N ILE D 93 -38.93 -2.15 4.06
CA ILE D 93 -38.10 -1.56 3.01
C ILE D 93 -38.29 -0.04 2.92
N VAL D 94 -39.50 0.44 3.18
CA VAL D 94 -39.72 1.88 3.14
C VAL D 94 -39.03 2.55 4.31
N LEU D 95 -39.17 1.99 5.52
CA LEU D 95 -38.51 2.60 6.67
C LEU D 95 -37.00 2.53 6.50
N MET D 96 -36.50 1.45 5.92
CA MET D 96 -35.09 1.37 5.57
C MET D 96 -34.70 2.54 4.65
N ALA D 97 -35.42 2.71 3.53
CA ALA D 97 -35.12 3.81 2.60
C ALA D 97 -35.14 5.15 3.30
N GLN D 98 -36.18 5.41 4.10
CA GLN D 98 -36.28 6.69 4.77
C GLN D 98 -35.12 6.92 5.73
N THR D 99 -34.65 5.85 6.38
CA THR D 99 -33.46 5.97 7.22
C THR D 99 -32.24 6.32 6.37
N LEU D 100 -32.05 5.59 5.27
CA LEU D 100 -30.98 5.91 4.34
C LEU D 100 -31.16 7.32 3.77
N GLU D 101 -32.40 7.68 3.37
CA GLU D 101 -32.62 9.02 2.84
C GLU D 101 -32.30 10.10 3.87
N LYS D 102 -32.61 9.85 5.14
CA LYS D 102 -32.34 10.86 6.16
C LYS D 102 -30.84 11.11 6.29
N ILE D 103 -30.05 10.04 6.27
CA ILE D 103 -28.59 10.17 6.37
C ILE D 103 -28.05 10.89 5.14
N PHE D 104 -28.51 10.47 3.97
CA PHE D 104 -28.17 11.15 2.71
C PHE D 104 -28.30 12.67 2.83
N LEU D 105 -29.48 13.14 3.21
CA LEU D 105 -29.71 14.58 3.26
C LEU D 105 -28.82 15.27 4.29
N GLN D 106 -28.60 14.61 5.43
CA GLN D 106 -27.69 15.19 6.42
C GLN D 106 -26.29 15.31 5.85
N LYS D 107 -25.78 14.23 5.24
CA LYS D 107 -24.44 14.28 4.70
C LYS D 107 -24.34 15.23 3.52
N VAL D 108 -25.44 15.42 2.77
CA VAL D 108 -25.38 16.35 1.65
C VAL D 108 -25.31 17.79 2.16
N ALA D 109 -25.98 18.08 3.29
CA ALA D 109 -25.95 19.41 3.88
C ALA D 109 -24.53 19.93 4.10
N SER D 110 -23.54 19.05 4.24
CA SER D 110 -22.16 19.46 4.48
C SER D 110 -21.30 19.40 3.21
N MET D 111 -21.92 19.43 2.04
CA MET D 111 -21.18 19.31 0.79
C MET D 111 -20.40 20.61 0.50
N PRO D 112 -19.18 20.49 -0.04
CA PRO D 112 -18.44 21.70 -0.44
C PRO D 112 -19.23 22.51 -1.46
N GLN D 113 -19.19 23.84 -1.31
CA GLN D 113 -19.76 24.76 -2.28
C GLN D 113 -18.74 25.18 -3.34
N GLU D 114 -17.47 24.83 -3.15
CA GLU D 114 -16.44 24.97 -4.16
C GLU D 114 -15.78 23.62 -4.46
N GLY E 4 26.66 1.00 7.46
CA GLY E 4 28.07 0.72 7.28
C GLY E 4 28.79 1.98 6.84
N ARG E 5 28.81 2.23 5.53
CA ARG E 5 29.19 3.55 5.05
C ARG E 5 28.09 4.57 5.34
N VAL E 6 26.83 4.19 5.14
CA VAL E 6 25.72 5.09 5.43
C VAL E 6 25.75 5.53 6.88
N THR E 7 25.97 4.58 7.79
CA THR E 7 26.02 4.87 9.21
C THR E 7 27.16 5.83 9.56
N ASN E 8 28.33 5.66 8.93
CA ASN E 8 29.45 6.56 9.20
C ASN E 8 29.20 7.94 8.61
N GLN E 9 28.48 8.03 7.50
CA GLN E 9 28.17 9.34 6.93
C GLN E 9 27.17 10.09 7.81
N LEU E 10 26.18 9.37 8.34
CA LEU E 10 25.17 10.02 9.20
C LEU E 10 25.76 10.41 10.54
N GLN E 11 26.60 9.54 11.12
CA GLN E 11 27.32 9.92 12.34
C GLN E 11 28.15 11.17 12.12
N TYR E 12 28.78 11.28 10.94
CA TYR E 12 29.57 12.46 10.64
C TYR E 12 28.69 13.69 10.60
N LEU E 13 27.54 13.59 9.92
CA LEU E 13 26.62 14.72 9.85
C LEU E 13 26.17 15.15 11.25
N HIS E 14 26.05 14.19 12.17
CA HIS E 14 25.62 14.41 13.54
C HIS E 14 26.73 15.03 14.39
N LYS E 15 27.85 14.31 14.53
CA LYS E 15 28.87 14.66 15.50
C LYS E 15 29.85 15.69 14.99
N VAL E 16 29.92 15.91 13.68
CA VAL E 16 30.83 16.89 13.11
C VAL E 16 30.08 18.07 12.48
N VAL E 17 29.25 17.80 11.46
CA VAL E 17 28.58 18.91 10.77
C VAL E 17 27.58 19.58 11.68
N MET E 18 26.56 18.84 12.14
CA MET E 18 25.53 19.46 12.97
C MET E 18 26.14 20.07 14.23
N LYS E 19 27.14 19.40 14.80
CA LYS E 19 27.73 19.88 16.04
C LYS E 19 28.43 21.23 15.84
N ALA E 20 29.07 21.41 14.69
CA ALA E 20 29.74 22.68 14.43
C ALA E 20 28.76 23.79 14.08
N LEU E 21 27.78 23.48 13.24
CA LEU E 21 26.80 24.49 12.84
C LEU E 21 25.97 24.94 14.03
N TRP E 22 25.56 23.99 14.87
CA TRP E 22 24.65 24.28 15.96
C TRP E 22 25.22 25.34 16.90
N LYS E 23 26.53 25.32 17.14
CA LYS E 23 27.16 26.17 18.15
C LYS E 23 27.71 27.47 17.58
N HIS E 24 27.66 27.65 16.27
CA HIS E 24 28.10 28.87 15.63
C HIS E 24 27.28 30.06 16.14
N GLN E 25 27.92 31.24 16.18
CA GLN E 25 27.29 32.44 16.70
C GLN E 25 26.13 32.92 15.84
N PHE E 26 25.94 32.41 14.62
CA PHE E 26 24.75 32.73 13.85
C PHE E 26 23.67 31.65 13.89
N ALA E 27 23.86 30.57 14.66
CA ALA E 27 22.94 29.44 14.57
C ALA E 27 21.65 29.63 15.37
N TRP E 28 21.63 30.53 16.35
CA TRP E 28 20.51 30.55 17.28
C TRP E 28 19.14 30.70 16.62
N PRO E 29 18.95 31.49 15.54
CA PRO E 29 17.61 31.54 14.94
C PRO E 29 17.18 30.23 14.27
N PHE E 30 18.11 29.32 13.97
CA PHE E 30 17.73 28.12 13.23
C PHE E 30 17.68 26.87 14.11
N ARG E 31 17.83 27.01 15.43
CA ARG E 31 17.81 25.86 16.35
C ARG E 31 16.40 25.36 16.66
N GLN E 32 15.36 26.02 16.19
CA GLN E 32 14.00 25.55 16.43
C GLN E 32 13.13 26.11 15.32
N PRO E 33 11.92 25.58 15.13
CA PRO E 33 11.10 26.02 14.00
C PRO E 33 10.78 27.50 14.08
N VAL E 34 10.63 28.11 12.90
CA VAL E 34 10.19 29.50 12.79
C VAL E 34 8.79 29.66 13.36
N ASP E 35 8.61 30.60 14.27
CA ASP E 35 7.29 30.88 14.84
C ASP E 35 6.74 32.14 14.17
N ALA E 36 5.98 31.94 13.10
CA ALA E 36 5.50 33.05 12.29
C ALA E 36 4.54 33.97 13.05
N VAL E 37 3.89 33.47 14.11
CA VAL E 37 3.01 34.35 14.90
C VAL E 37 3.84 35.20 15.85
N LYS E 38 4.64 34.58 16.73
CA LYS E 38 5.46 35.38 17.64
C LYS E 38 6.48 36.23 16.91
N LEU E 39 6.74 35.95 15.64
CA LEU E 39 7.67 36.74 14.86
C LEU E 39 6.96 37.77 14.01
N GLY E 40 5.63 37.76 14.03
CA GLY E 40 4.85 38.74 13.29
C GLY E 40 5.00 38.56 11.79
N LEU E 41 4.74 37.36 11.31
CA LEU E 41 4.87 37.06 9.85
C LEU E 41 3.67 36.21 9.44
N PRO E 42 2.46 36.78 9.22
CA PRO E 42 1.28 35.96 8.94
C PRO E 42 1.25 35.39 7.52
N ASP E 43 2.34 35.55 6.76
CA ASP E 43 2.38 35.11 5.35
C ASP E 43 3.45 34.02 5.20
N TYR E 44 4.09 33.61 6.29
CA TYR E 44 5.21 32.63 6.20
C TYR E 44 4.74 31.30 5.64
N HIS E 45 3.80 30.63 6.31
CA HIS E 45 3.43 29.31 5.84
C HIS E 45 2.62 29.34 4.56
N LYS E 46 2.14 30.52 4.15
CA LYS E 46 1.67 30.71 2.79
C LYS E 46 2.83 30.59 1.81
N ILE E 47 3.86 31.42 1.98
CA ILE E 47 5.02 31.39 1.11
C ILE E 47 5.79 30.06 1.24
N ILE E 48 5.91 29.55 2.47
CA ILE E 48 6.84 28.46 2.78
C ILE E 48 6.03 27.21 3.10
N LYS E 49 6.10 26.22 2.21
CA LYS E 49 5.30 25.00 2.37
C LYS E 49 6.05 23.89 3.08
N GLN E 50 7.38 23.97 3.17
CA GLN E 50 8.20 22.93 3.79
C GLN E 50 9.13 23.54 4.82
N PRO E 51 8.60 23.98 5.97
CA PRO E 51 9.47 24.57 7.00
C PRO E 51 10.42 23.52 7.56
N MET E 52 11.66 23.96 7.83
CA MET E 52 12.73 23.08 8.30
C MET E 52 13.62 23.88 9.23
N ASP E 53 14.20 23.21 10.22
CA ASP E 53 15.11 23.85 11.15
C ASP E 53 16.11 22.82 11.65
N MET E 54 17.22 23.32 12.21
CA MET E 54 18.25 22.43 12.70
C MET E 54 17.77 21.58 13.87
N GLY E 55 16.88 22.12 14.71
CA GLY E 55 16.34 21.32 15.79
C GLY E 55 15.62 20.07 15.29
N THR E 56 14.80 20.23 14.25
CA THR E 56 14.15 19.08 13.64
C THR E 56 15.19 18.11 13.07
N ILE E 57 16.20 18.64 12.36
CA ILE E 57 17.21 17.78 11.76
C ILE E 57 18.01 17.03 12.83
N LYS E 58 18.32 17.70 13.94
CA LYS E 58 19.04 17.07 15.03
C LYS E 58 18.25 15.93 15.64
N ARG E 59 16.98 16.19 15.97
CA ARG E 59 16.12 15.13 16.49
C ARG E 59 16.06 13.96 15.50
N ARG E 60 15.97 14.26 14.21
CA ARG E 60 15.91 13.21 13.21
C ARG E 60 17.16 12.35 13.23
N LEU E 61 18.35 12.98 13.19
CA LEU E 61 19.58 12.22 13.32
C LEU E 61 19.59 11.37 14.58
N GLU E 62 19.17 11.96 15.70
CA GLU E 62 19.20 11.24 16.98
C GLU E 62 18.23 10.07 16.99
N ASN E 63 17.14 10.16 16.26
CA ASN E 63 16.11 9.14 16.26
C ASN E 63 16.24 8.15 15.09
N ASN E 64 17.36 8.14 14.37
CA ASN E 64 17.54 7.28 13.19
C ASN E 64 16.39 7.45 12.19
N TYR E 65 15.96 8.69 11.99
CA TYR E 65 14.95 8.97 10.98
C TYR E 65 15.48 8.79 9.55
N TYR E 66 16.70 9.24 9.29
CA TYR E 66 17.24 9.30 7.93
C TYR E 66 17.75 7.93 7.48
N TRP E 67 17.54 7.63 6.20
CA TRP E 67 18.06 6.41 5.57
C TRP E 67 19.35 6.64 4.78
N ALA E 68 19.58 7.86 4.31
CA ALA E 68 20.83 8.19 3.65
C ALA E 68 21.25 9.60 4.06
N ALA E 69 22.55 9.87 3.97
CA ALA E 69 23.07 11.20 4.24
C ALA E 69 22.42 12.24 3.33
N SER E 70 22.06 11.84 2.12
CA SER E 70 21.42 12.75 1.17
C SER E 70 20.07 13.24 1.68
N GLU E 71 19.38 12.44 2.51
CA GLU E 71 18.10 12.93 3.03
C GLU E 71 18.30 14.04 4.05
N CYS E 72 19.36 13.92 4.85
CA CYS E 72 19.64 14.96 5.82
C CYS E 72 20.21 16.19 5.14
N MET E 73 20.96 15.99 4.06
CA MET E 73 21.44 17.13 3.29
C MET E 73 20.29 17.90 2.66
N GLN E 74 19.27 17.19 2.16
CA GLN E 74 18.11 17.87 1.61
C GLN E 74 17.42 18.74 2.67
N ASP E 75 17.36 18.25 3.91
CA ASP E 75 16.67 19.00 4.96
C ASP E 75 17.41 20.31 5.28
N PHE E 76 18.74 20.23 5.43
CA PHE E 76 19.56 21.44 5.52
C PHE E 76 19.28 22.39 4.37
N ASN E 77 19.31 21.87 3.14
CA ASN E 77 19.11 22.72 1.98
C ASN E 77 17.72 23.34 1.97
N THR E 78 16.72 22.61 2.44
CA THR E 78 15.39 23.20 2.57
C THR E 78 15.41 24.37 3.55
N MET E 79 16.16 24.22 4.65
CA MET E 79 16.22 25.29 5.64
C MET E 79 16.86 26.54 5.05
N PHE E 80 18.04 26.40 4.45
CA PHE E 80 18.69 27.56 3.85
C PHE E 80 17.79 28.18 2.78
N THR E 81 17.20 27.34 1.92
CA THR E 81 16.35 27.80 0.83
C THR E 81 15.15 28.59 1.34
N ASN E 82 14.46 28.06 2.36
CA ASN E 82 13.34 28.77 2.96
C ASN E 82 13.72 30.18 3.35
N CYS E 83 14.89 30.33 3.98
CA CYS E 83 15.33 31.65 4.41
C CYS E 83 15.57 32.58 3.21
N TYR E 84 16.15 32.05 2.12
CA TYR E 84 16.41 32.91 0.97
C TYR E 84 15.12 33.29 0.25
N ILE E 85 14.15 32.38 0.20
CA ILE E 85 12.89 32.68 -0.48
C ILE E 85 12.15 33.81 0.23
N TYR E 86 11.92 33.66 1.53
CA TYR E 86 11.09 34.57 2.28
C TYR E 86 11.67 35.97 2.42
N ASN E 87 12.99 36.13 2.37
CA ASN E 87 13.64 37.35 2.83
C ASN E 87 14.48 37.99 1.72
N LYS E 88 14.73 39.31 1.86
CA LYS E 88 15.54 39.97 0.86
C LYS E 88 17.03 39.73 1.15
N PRO E 89 17.86 39.69 0.10
CA PRO E 89 19.24 39.25 0.28
C PRO E 89 20.08 40.10 1.21
N THR E 90 19.59 41.25 1.63
CA THR E 90 20.34 42.12 2.53
C THR E 90 19.94 41.96 3.98
N ASP E 91 18.83 41.26 4.25
CA ASP E 91 18.42 40.96 5.61
C ASP E 91 19.54 40.26 6.38
N ASP E 92 19.65 40.59 7.67
CA ASP E 92 20.68 39.96 8.51
C ASP E 92 20.47 38.44 8.55
N ILE E 93 19.20 38.00 8.59
CA ILE E 93 18.92 36.57 8.66
C ILE E 93 19.48 35.86 7.44
N VAL E 94 19.39 36.49 6.26
CA VAL E 94 19.86 35.84 5.05
C VAL E 94 21.36 35.70 5.06
N LEU E 95 22.06 36.69 5.58
CA LEU E 95 23.52 36.61 5.63
C LEU E 95 23.99 35.63 6.71
N MET E 96 23.20 35.49 7.78
CA MET E 96 23.48 34.42 8.74
C MET E 96 23.28 33.06 8.10
N ALA E 97 22.14 32.87 7.42
CA ALA E 97 21.88 31.61 6.74
C ALA E 97 23.00 31.29 5.74
N GLN E 98 23.49 32.31 5.05
CA GLN E 98 24.55 32.15 4.05
C GLN E 98 25.84 31.67 4.70
N THR E 99 26.21 32.31 5.81
CA THR E 99 27.41 31.89 6.52
C THR E 99 27.32 30.43 6.96
N LEU E 100 26.21 30.08 7.62
CA LEU E 100 26.00 28.70 8.06
C LEU E 100 26.03 27.74 6.88
N GLU E 101 25.51 28.16 5.73
CA GLU E 101 25.47 27.24 4.59
C GLU E 101 26.85 27.06 3.96
N LYS E 102 27.72 28.07 4.02
CA LYS E 102 29.06 27.88 3.49
C LYS E 102 29.85 26.91 4.35
N ILE E 103 29.77 27.06 5.69
CA ILE E 103 30.33 26.07 6.60
C ILE E 103 29.75 24.69 6.32
N PHE E 104 28.42 24.63 6.15
CA PHE E 104 27.78 23.34 5.88
C PHE E 104 28.37 22.67 4.64
N LEU E 105 28.42 23.40 3.51
CA LEU E 105 28.99 22.85 2.28
C LEU E 105 30.47 22.48 2.45
N GLN E 106 31.21 23.28 3.23
CA GLN E 106 32.60 22.92 3.48
C GLN E 106 32.71 21.65 4.33
N LYS E 107 31.85 21.51 5.35
CA LYS E 107 31.97 20.38 6.24
C LYS E 107 31.63 19.08 5.53
N VAL E 108 30.55 19.07 4.73
CA VAL E 108 30.16 17.83 4.07
C VAL E 108 31.18 17.44 3.01
N ALA E 109 32.04 18.38 2.60
CA ALA E 109 33.09 18.05 1.64
C ALA E 109 34.11 17.06 2.20
N SER E 110 34.34 17.05 3.52
CA SER E 110 35.18 16.02 4.13
C SER E 110 34.37 14.82 4.60
N MET E 111 33.18 14.61 4.07
CA MET E 111 32.39 13.46 4.49
C MET E 111 33.08 12.18 4.04
N PRO E 112 33.25 11.19 4.91
CA PRO E 112 33.86 9.93 4.49
C PRO E 112 33.14 9.36 3.27
N GLN E 113 33.92 8.72 2.39
CA GLN E 113 33.35 8.03 1.24
C GLN E 113 33.29 6.52 1.44
N GLU E 114 33.49 6.04 2.67
CA GLU E 114 33.44 4.61 2.98
C GLU E 114 32.93 4.37 4.40
N GLY F 4 -21.46 33.10 -33.54
CA GLY F 4 -22.79 33.15 -34.14
C GLY F 4 -23.22 31.78 -34.59
N ARG F 5 -23.06 31.47 -35.88
CA ARG F 5 -23.20 30.10 -36.33
C ARG F 5 -22.18 29.21 -35.62
N VAL F 6 -20.91 29.63 -35.64
CA VAL F 6 -19.84 28.83 -35.05
C VAL F 6 -20.18 28.46 -33.61
N THR F 7 -20.44 29.48 -32.78
CA THR F 7 -20.76 29.24 -31.37
C THR F 7 -22.10 28.53 -31.16
N ASN F 8 -22.99 28.53 -32.16
CA ASN F 8 -24.19 27.70 -32.05
C ASN F 8 -23.87 26.23 -32.36
N GLN F 9 -23.02 25.99 -33.36
CA GLN F 9 -22.66 24.61 -33.68
C GLN F 9 -21.81 23.98 -32.59
N LEU F 10 -20.98 24.78 -31.93
CA LEU F 10 -20.12 24.26 -30.87
C LEU F 10 -20.91 24.01 -29.58
N GLN F 11 -21.82 24.92 -29.25
CA GLN F 11 -22.79 24.64 -28.19
C GLN F 11 -23.54 23.36 -28.48
N TYR F 12 -23.91 23.13 -29.74
CA TYR F 12 -24.63 21.92 -30.09
C TYR F 12 -23.77 20.69 -29.84
N LEU F 13 -22.53 20.72 -30.33
CA LEU F 13 -21.61 19.61 -30.11
C LEU F 13 -21.45 19.32 -28.62
N HIS F 14 -21.44 20.36 -27.78
CA HIS F 14 -21.24 20.18 -26.35
C HIS F 14 -22.49 19.60 -25.65
N LYS F 15 -23.61 20.30 -25.76
CA LYS F 15 -24.78 20.01 -24.93
C LYS F 15 -25.69 18.95 -25.52
N VAL F 16 -25.62 18.70 -26.82
CA VAL F 16 -26.42 17.65 -27.46
C VAL F 16 -25.57 16.43 -27.82
N VAL F 17 -24.58 16.61 -28.70
CA VAL F 17 -23.80 15.45 -29.17
C VAL F 17 -22.97 14.86 -28.02
N MET F 18 -22.10 15.68 -27.42
CA MET F 18 -21.20 15.12 -26.41
C MET F 18 -21.96 14.61 -25.20
N LYS F 19 -23.06 15.26 -24.81
CA LYS F 19 -23.78 14.79 -23.63
C LYS F 19 -24.44 13.45 -23.91
N ALA F 20 -24.97 13.24 -25.12
CA ALA F 20 -25.57 11.96 -25.45
C ALA F 20 -24.52 10.87 -25.52
N LEU F 21 -23.41 11.13 -26.22
CA LEU F 21 -22.39 10.12 -26.40
C LEU F 21 -21.72 9.79 -25.08
N TRP F 22 -21.47 10.82 -24.26
CA TRP F 22 -20.76 10.62 -23.00
C TRP F 22 -21.50 9.65 -22.11
N LYS F 23 -22.83 9.73 -22.09
CA LYS F 23 -23.64 8.98 -21.15
C LYS F 23 -24.09 7.63 -21.68
N HIS F 24 -23.77 7.33 -22.94
CA HIS F 24 -24.13 6.05 -23.54
C HIS F 24 -23.40 4.93 -22.81
N GLN F 25 -24.00 3.73 -22.84
CA GLN F 25 -23.49 2.60 -22.07
C GLN F 25 -22.22 1.99 -22.66
N PHE F 26 -21.79 2.41 -23.85
CA PHE F 26 -20.51 2.00 -24.42
C PHE F 26 -19.42 3.07 -24.29
N ALA F 27 -19.71 4.22 -23.68
CA ALA F 27 -18.79 5.36 -23.70
C ALA F 27 -17.65 5.24 -22.69
N TRP F 28 -17.84 4.52 -21.62
CA TRP F 28 -16.88 4.58 -20.51
C TRP F 28 -15.41 4.33 -20.90
N PRO F 29 -15.06 3.48 -21.88
CA PRO F 29 -13.63 3.39 -22.25
C PRO F 29 -13.10 4.64 -22.95
N PHE F 30 -13.97 5.49 -23.50
CA PHE F 30 -13.51 6.64 -24.27
C PHE F 30 -13.57 7.95 -23.47
N ARG F 31 -13.92 7.88 -22.18
CA ARG F 31 -14.07 9.08 -21.35
C ARG F 31 -12.74 9.66 -20.87
N GLN F 32 -11.63 8.94 -21.03
CA GLN F 32 -10.34 9.41 -20.58
C GLN F 32 -9.30 8.80 -21.52
N PRO F 33 -8.08 9.35 -21.56
CA PRO F 33 -7.09 8.86 -22.51
C PRO F 33 -6.78 7.39 -22.31
N VAL F 34 -6.34 6.74 -23.38
CA VAL F 34 -5.97 5.33 -23.33
C VAL F 34 -4.72 5.17 -22.47
N ASP F 35 -4.80 4.31 -21.45
CA ASP F 35 -3.69 4.09 -20.53
C ASP F 35 -2.96 2.83 -20.97
N ALA F 36 -2.04 3.00 -21.93
CA ALA F 36 -1.44 1.86 -22.62
C ALA F 36 -0.69 0.93 -21.67
N VAL F 37 -0.19 1.45 -20.55
CA VAL F 37 0.54 0.61 -19.60
C VAL F 37 -0.44 -0.19 -18.74
N LYS F 38 -1.34 0.51 -18.03
CA LYS F 38 -2.33 -0.20 -17.21
C LYS F 38 -3.17 -1.18 -18.03
N LEU F 39 -3.15 -1.08 -19.35
CA LEU F 39 -3.96 -1.93 -20.22
C LEU F 39 -3.18 -3.07 -20.84
N GLY F 40 -1.87 -3.10 -20.63
CA GLY F 40 -1.07 -4.14 -21.25
C GLY F 40 -0.94 -3.97 -22.75
N LEU F 41 -0.66 -2.76 -23.20
CA LEU F 41 -0.46 -2.45 -24.62
C LEU F 41 0.87 -1.73 -24.76
N PRO F 42 1.99 -2.46 -24.86
CA PRO F 42 3.30 -1.81 -24.96
C PRO F 42 3.57 -1.18 -26.33
N ASP F 43 2.60 -1.26 -27.24
CA ASP F 43 2.78 -0.93 -28.64
C ASP F 43 1.85 0.19 -29.11
N TYR F 44 0.97 0.67 -28.24
CA TYR F 44 -0.11 1.55 -28.66
C TYR F 44 0.40 2.84 -29.28
N HIS F 45 1.38 3.48 -28.63
CA HIS F 45 1.88 4.75 -29.12
C HIS F 45 2.88 4.59 -30.26
N LYS F 46 3.42 3.38 -30.45
CA LYS F 46 4.08 3.06 -31.71
C LYS F 46 3.08 3.19 -32.85
N ILE F 47 1.94 2.50 -32.75
CA ILE F 47 0.95 2.49 -33.82
C ILE F 47 0.21 3.82 -33.90
N ILE F 48 -0.15 4.41 -32.75
CA ILE F 48 -1.13 5.49 -32.70
C ILE F 48 -0.39 6.76 -32.30
N LYS F 49 -0.17 7.63 -33.26
CA LYS F 49 0.66 8.82 -33.04
C LYS F 49 -0.14 10.07 -32.65
N GLN F 50 -1.47 10.03 -32.76
CA GLN F 50 -2.30 11.15 -32.30
C GLN F 50 -3.46 10.60 -31.48
N PRO F 51 -3.21 10.24 -30.22
CA PRO F 51 -4.29 9.70 -29.37
C PRO F 51 -5.31 10.78 -29.00
N MET F 52 -6.52 10.32 -28.70
CA MET F 52 -7.61 11.26 -28.47
C MET F 52 -8.74 10.54 -27.77
N ASP F 53 -9.50 11.27 -26.93
CA ASP F 53 -10.59 10.69 -26.18
C ASP F 53 -11.66 11.74 -25.93
N MET F 54 -12.81 11.28 -25.43
CA MET F 54 -13.93 12.18 -25.25
C MET F 54 -13.72 13.14 -24.08
N GLY F 55 -12.93 12.75 -23.07
CA GLY F 55 -12.65 13.67 -21.98
C GLY F 55 -11.87 14.89 -22.45
N THR F 56 -10.81 14.65 -23.24
CA THR F 56 -10.06 15.72 -23.88
C THR F 56 -10.98 16.62 -24.71
N ILE F 57 -11.85 16.03 -25.52
CA ILE F 57 -12.74 16.81 -26.39
C ILE F 57 -13.69 17.68 -25.57
N LYS F 58 -14.29 17.09 -24.52
CA LYS F 58 -15.16 17.84 -23.61
C LYS F 58 -14.43 19.02 -22.99
N ARG F 59 -13.23 18.77 -22.46
CA ARG F 59 -12.44 19.82 -21.84
C ARG F 59 -12.11 20.92 -22.84
N ARG F 60 -11.84 20.55 -24.09
CA ARG F 60 -11.61 21.53 -25.14
C ARG F 60 -12.87 22.33 -25.44
N LEU F 61 -14.03 21.67 -25.50
CA LEU F 61 -15.28 22.40 -25.67
C LEU F 61 -15.48 23.39 -24.53
N GLU F 62 -15.28 22.94 -23.29
CA GLU F 62 -15.51 23.79 -22.14
C GLU F 62 -14.52 24.95 -22.05
N ASN F 63 -13.34 24.81 -22.64
CA ASN F 63 -12.30 25.82 -22.53
C ASN F 63 -12.19 26.69 -23.77
N ASN F 64 -13.18 26.68 -24.67
CA ASN F 64 -13.14 27.49 -25.91
C ASN F 64 -11.89 27.21 -26.74
N TYR F 65 -11.45 25.96 -26.76
CA TYR F 65 -10.27 25.60 -27.54
C TYR F 65 -10.56 25.64 -29.05
N TYR F 66 -11.72 25.15 -29.47
CA TYR F 66 -12.02 25.02 -30.89
C TYR F 66 -12.47 26.33 -31.52
N TRP F 67 -11.98 26.58 -32.74
CA TRP F 67 -12.43 27.72 -33.53
C TRP F 67 -13.55 27.37 -34.51
N ALA F 68 -13.79 26.09 -34.78
CA ALA F 68 -14.82 25.67 -35.70
C ALA F 68 -15.35 24.31 -35.28
N ALA F 69 -16.62 24.04 -35.65
CA ALA F 69 -17.20 22.73 -35.39
C ALA F 69 -16.40 21.62 -36.06
N SER F 70 -15.79 21.89 -37.21
CA SER F 70 -15.04 20.89 -37.93
C SER F 70 -13.80 20.45 -37.15
N GLU F 71 -13.24 21.32 -36.32
CA GLU F 71 -12.10 20.91 -35.52
C GLU F 71 -12.51 19.91 -34.45
N CYS F 72 -13.71 20.06 -33.90
CA CYS F 72 -14.21 19.12 -32.92
C CYS F 72 -14.63 17.81 -33.59
N MET F 73 -15.24 17.90 -34.77
CA MET F 73 -15.58 16.68 -35.49
C MET F 73 -14.32 15.93 -35.91
N GLN F 74 -13.24 16.64 -36.20
CA GLN F 74 -11.99 15.95 -36.55
C GLN F 74 -11.44 15.17 -35.35
N ASP F 75 -11.58 15.71 -34.13
CA ASP F 75 -11.09 15.00 -32.94
C ASP F 75 -11.91 13.76 -32.65
N PHE F 76 -13.23 13.84 -32.75
CA PHE F 76 -14.05 12.63 -32.66
C PHE F 76 -13.55 11.59 -33.66
N ASN F 77 -13.32 12.02 -34.90
CA ASN F 77 -12.94 11.07 -35.94
C ASN F 77 -11.58 10.47 -35.65
N THR F 78 -10.66 11.27 -35.11
CA THR F 78 -9.38 10.71 -34.70
C THR F 78 -9.58 9.62 -33.66
N MET F 79 -10.46 9.87 -32.69
CA MET F 79 -10.73 8.90 -31.63
C MET F 79 -11.27 7.60 -32.23
N PHE F 80 -12.31 7.71 -33.05
CA PHE F 80 -12.90 6.51 -33.64
C PHE F 80 -11.88 5.77 -34.51
N THR F 81 -11.09 6.50 -35.29
CA THR F 81 -10.13 5.89 -36.21
C THR F 81 -9.02 5.20 -35.45
N ASN F 82 -8.56 5.78 -34.34
CA ASN F 82 -7.49 5.16 -33.56
C ASN F 82 -7.89 3.76 -33.15
N CYS F 83 -9.09 3.62 -32.60
CA CYS F 83 -9.60 2.34 -32.13
C CYS F 83 -9.69 1.33 -33.28
N TYR F 84 -10.12 1.77 -34.46
CA TYR F 84 -10.20 0.86 -35.60
C TYR F 84 -8.80 0.45 -36.08
N ILE F 85 -7.86 1.40 -36.07
CA ILE F 85 -6.49 1.08 -36.52
C ILE F 85 -5.88 0.02 -35.63
N TYR F 86 -5.87 0.25 -34.31
CA TYR F 86 -5.18 -0.62 -33.39
C TYR F 86 -5.81 -1.99 -33.25
N ASN F 87 -7.10 -2.15 -33.57
CA ASN F 87 -7.86 -3.31 -33.10
C ASN F 87 -8.52 -4.04 -34.26
N LYS F 88 -8.85 -5.31 -34.02
CA LYS F 88 -9.43 -6.24 -34.98
C LYS F 88 -10.92 -5.93 -35.15
N PRO F 89 -11.45 -6.00 -36.38
CA PRO F 89 -12.81 -5.50 -36.64
C PRO F 89 -13.89 -6.19 -35.84
N THR F 90 -13.52 -7.21 -35.06
CA THR F 90 -14.49 -7.96 -34.27
C THR F 90 -14.26 -7.83 -32.76
N ASP F 91 -13.24 -7.09 -32.32
CA ASP F 91 -13.07 -6.79 -30.90
C ASP F 91 -14.30 -6.03 -30.36
N ASP F 92 -14.57 -6.23 -29.07
CA ASP F 92 -15.70 -5.55 -28.44
C ASP F 92 -15.50 -4.03 -28.44
N ILE F 93 -14.27 -3.58 -28.20
CA ILE F 93 -13.97 -2.16 -28.21
C ILE F 93 -14.33 -1.54 -29.56
N VAL F 94 -14.03 -2.26 -30.65
CA VAL F 94 -14.29 -1.73 -32.00
C VAL F 94 -15.78 -1.55 -32.20
N LEU F 95 -16.57 -2.51 -31.75
CA LEU F 95 -18.01 -2.43 -31.96
C LEU F 95 -18.64 -1.40 -31.03
N MET F 96 -18.07 -1.21 -29.85
CA MET F 96 -18.48 -0.06 -29.04
C MET F 96 -18.18 1.24 -29.78
N ALA F 97 -16.95 1.38 -30.27
CA ALA F 97 -16.58 2.59 -31.01
C ALA F 97 -17.48 2.79 -32.22
N GLN F 98 -17.76 1.71 -32.94
CA GLN F 98 -18.64 1.75 -34.11
C GLN F 98 -20.03 2.26 -33.74
N THR F 99 -20.57 1.77 -32.63
CA THR F 99 -21.89 2.24 -32.18
C THR F 99 -21.87 3.73 -31.85
N LEU F 100 -20.87 4.16 -31.09
CA LEU F 100 -20.79 5.57 -30.73
C LEU F 100 -20.62 6.45 -31.96
N GLU F 101 -19.88 5.96 -32.96
CA GLU F 101 -19.69 6.75 -34.18
C GLU F 101 -20.99 6.90 -34.97
N LYS F 102 -21.85 5.88 -34.98
CA LYS F 102 -23.10 6.02 -35.70
C LYS F 102 -23.99 7.07 -35.05
N ILE F 103 -24.10 7.05 -33.71
CA ILE F 103 -24.86 8.08 -33.01
C ILE F 103 -24.26 9.46 -33.28
N PHE F 104 -22.93 9.54 -33.19
CA PHE F 104 -22.23 10.80 -33.47
C PHE F 104 -22.64 11.36 -34.82
N LEU F 105 -22.52 10.54 -35.89
CA LEU F 105 -22.86 11.03 -37.23
C LEU F 105 -24.35 11.39 -37.34
N GLN F 106 -25.24 10.58 -36.77
CA GLN F 106 -26.67 10.91 -36.79
C GLN F 106 -26.94 12.23 -36.07
N LYS F 107 -26.40 12.39 -34.86
CA LYS F 107 -26.64 13.62 -34.11
C LYS F 107 -26.00 14.82 -34.79
N VAL F 108 -24.82 14.62 -35.39
CA VAL F 108 -24.16 15.68 -36.14
C VAL F 108 -25.03 16.13 -37.32
N ALA F 109 -25.81 15.21 -37.91
CA ALA F 109 -26.64 15.52 -39.07
C ALA F 109 -27.77 16.50 -38.75
N SER F 110 -28.01 16.84 -37.48
CA SER F 110 -28.99 17.86 -37.13
C SER F 110 -28.35 19.11 -36.56
N MET F 111 -27.06 19.28 -36.76
CA MET F 111 -26.38 20.46 -36.24
C MET F 111 -26.98 21.71 -36.88
N PRO F 112 -27.26 22.75 -36.10
CA PRO F 112 -27.83 23.97 -36.69
C PRO F 112 -26.94 24.53 -37.79
N GLN F 113 -27.54 25.36 -38.64
CA GLN F 113 -26.80 26.05 -39.69
C GLN F 113 -26.61 27.53 -39.44
N GLU F 114 -27.50 28.16 -38.67
CA GLU F 114 -27.40 29.59 -38.38
C GLU F 114 -27.07 29.85 -36.91
C10 O6O G . -14.53 -20.03 23.97
C13 O6O G . -16.00 -22.10 25.03
C17 O6O G . -15.76 -18.30 22.17
C20 O6O G . -12.58 -15.16 25.42
C22 O6O G . -11.23 -15.40 27.69
C26 O6O G . -13.24 -16.86 27.19
C02 O6O G . -11.70 -13.81 23.58
C03 O6O G . -12.43 -14.69 22.64
C04 O6O G . -12.47 -14.38 21.28
C05 O6O G . -13.17 -15.23 20.42
C06 O6O G . -13.81 -16.39 20.93
C07 O6O G . -13.78 -16.72 22.28
C08 O6O G . -14.49 -17.97 22.67
C09 O6O G . -13.88 -18.85 23.57
C11 O6O G . -15.79 -20.35 23.47
C14 O6O G . -14.46 -22.19 25.05
C16 O6O G . -16.40 -19.48 22.56
C18 O6O G . -13.06 -15.83 23.15
C23 O6O G . -10.42 -16.70 28.03
C25 O6O G . -12.35 -18.01 27.75
C27 O6O G . -12.07 -13.99 24.98
N21 O6O G . -12.34 -15.75 26.73
O01 O6O G . -10.83 -13.02 23.23
O12 O6O G . -16.46 -21.49 23.82
O15 O6O G . -13.87 -20.88 24.88
O19 O6O G . -13.01 -16.13 24.52
O24 O6O G . -10.99 -17.82 27.40
C1 PEG H . -23.76 -6.37 4.59
O1 PEG H . -24.62 -7.48 5.04
C2 PEG H . -24.31 -5.12 5.26
O2 PEG H . -23.47 -4.92 6.44
C3 PEG H . -23.16 -6.12 7.26
C4 PEG H . -22.32 -5.64 8.52
O4 PEG H . -22.66 -6.56 9.62
C1 PEG I . -4.06 -24.03 4.33
O1 PEG I . -4.69 -24.12 3.00
C2 PEG I . -2.52 -23.88 4.10
O2 PEG I . -2.00 -22.95 5.10
C3 PEG I . -1.37 -21.67 4.59
C4 PEG I . -1.04 -21.88 3.05
O4 PEG I . -0.06 -20.87 2.64
C1 PEG J . -17.21 -9.79 -3.51
O1 PEG J . -16.34 -10.17 -4.63
C2 PEG J . -18.38 -10.80 -3.52
O2 PEG J . -17.79 -12.11 -3.33
C3 PEG J . -18.68 -13.08 -2.73
C4 PEG J . -18.27 -14.49 -3.25
O4 PEG J . -19.00 -14.77 -4.50
C1 EDO K . -10.34 -1.75 -11.45
O1 EDO K . -10.15 -2.29 -10.13
C2 EDO K . -9.57 -2.73 -12.36
O2 EDO K . -8.26 -2.15 -12.43
C1 PEG L . 2.25 -19.00 17.25
O1 PEG L . 1.35 -20.09 16.81
C2 PEG L . 3.50 -19.01 16.34
O2 PEG L . 3.13 -18.39 15.08
C3 PEG L . 3.56 -17.00 14.91
C4 PEG L . 5.09 -17.03 14.52
O4 PEG L . 5.84 -16.36 15.58
S DMS M . -17.71 -3.72 -4.76
O DMS M . -18.21 -2.62 -3.91
C1 DMS M . -17.76 -5.43 -4.14
C2 DMS M . -17.04 -3.38 -6.42
C1 EDO N . -9.64 -2.34 20.23
O1 EDO N . -10.47 -1.81 21.29
C2 EDO N . -10.47 -2.10 18.94
O2 EDO N . -11.57 -3.04 19.04
C1 EDO O . -3.20 -19.76 -2.46
O1 EDO O . -3.75 -20.91 -1.78
C2 EDO O . -1.70 -19.82 -2.10
O2 EDO O . -1.68 -20.01 -0.66
C1 EDO P . -7.11 -2.99 -1.53
O1 EDO P . -6.85 -1.77 -0.81
C2 EDO P . -5.98 -3.06 -2.62
O2 EDO P . -5.73 -1.68 -2.94
C1 EDO Q . -3.24 -9.03 29.62
O1 EDO Q . -4.23 -7.98 29.64
C2 EDO Q . -1.94 -8.30 30.01
O2 EDO Q . -2.26 -6.92 29.81
CL CL R . -10.65 -21.84 24.36
NA NA S . -4.79 -24.87 21.88
C10 O6O T . 8.51 4.41 25.03
C13 O6O T . 9.65 6.63 26.19
C17 O6O T . 10.10 2.67 23.57
C20 O6O T . 6.39 -0.30 26.38
C22 O6O T . 4.55 0.16 28.28
C26 O6O T . 6.70 1.53 28.15
C02 O6O T . 5.93 -1.83 24.53
C03 O6O T . 6.82 -1.03 23.69
C04 O6O T . 7.14 -1.47 22.40
C05 O6O T . 7.99 -0.66 21.61
C06 O6O T . 8.50 0.55 22.14
C07 O6O T . 8.19 1.01 23.43
C08 O6O T . 8.78 2.31 23.85
C09 O6O T . 7.99 3.20 24.59
C11 O6O T . 9.83 4.77 24.74
C14 O6O T . 8.14 6.61 25.89
C16 O6O T . 10.62 3.89 24.00
C18 O6O T . 7.32 0.17 24.20
C23 O6O T . 3.77 1.51 28.52
C25 O6O T . 5.77 2.62 28.74
C27 O6O T . 6.06 -1.54 25.96
N21 O6O T . 5.86 0.42 27.56
O01 O6O T . 5.10 -2.60 24.10
O12 O6O T . 10.37 5.96 25.16
O15 O6O T . 7.68 5.27 25.77
O19 O6O T . 6.98 0.59 25.50
O24 O6O T . 4.53 2.60 28.11
C1 EDO U . -1.33 4.86 3.92
O1 EDO U . -0.20 5.68 3.54
C2 EDO U . -1.16 3.60 3.06
O2 EDO U . -1.64 3.98 1.75
C1 EDO V . 15.42 -6.57 -0.51
O1 EDO V . 16.35 -5.48 -0.65
C2 EDO V . 16.02 -7.66 -1.42
O2 EDO V . 15.60 -7.27 -2.74
C1 PEG W . -7.58 0.64 13.24
O1 PEG W . -8.88 0.61 12.54
C2 PEG W . -7.53 1.89 14.19
O2 PEG W . -6.53 2.77 13.62
C3 PEG W . -6.39 4.08 14.24
C4 PEG W . -5.69 5.00 13.15
O4 PEG W . -6.67 5.31 12.09
C1 EDO X . 18.49 -0.73 10.53
O1 EDO X . 18.97 0.10 11.61
C2 EDO X . 19.79 -1.22 9.85
O2 EDO X . 19.76 -0.55 8.56
C1 EDO Y . 19.56 1.07 1.72
O1 EDO Y . 18.61 2.11 2.05
C2 EDO Y . 19.05 0.52 0.39
O2 EDO Y . 18.48 1.68 -0.28
C1 EDO Z . 5.40 -14.57 -0.27
O1 EDO Z . 5.43 -15.52 0.82
C2 EDO Z . 4.56 -15.28 -1.37
O2 EDO Z . 5.37 -16.41 -1.76
C1 EDO AA . -2.40 7.55 28.00
O1 EDO AA . -1.63 6.33 27.94
C2 EDO AA . -3.82 7.07 28.32
O2 EDO AA . -3.72 6.62 29.69
S DMS BA . 1.02 10.36 21.60
O DMS BA . 0.25 9.28 20.94
C1 DMS BA . 0.15 11.65 22.56
C2 DMS BA . 2.83 10.40 21.45
C1 EDO CA . 24.64 -7.48 10.80
O1 EDO CA . 24.05 -6.40 10.03
C2 EDO CA . 25.84 -7.88 9.94
O2 EDO CA . 25.49 -7.40 8.62
C1 EDO DA . 19.75 3.08 10.50
O1 EDO DA . 18.43 3.67 10.56
C2 EDO DA . 20.27 3.54 9.13
O2 EDO DA . 19.06 3.78 8.39
CL CL EA . 4.87 6.02 24.64
C1 PEG FA . 20.95 -10.52 8.80
O1 PEG FA . 21.21 -11.92 9.04
C2 PEG FA . 21.39 -9.75 10.12
O2 PEG FA . 20.26 -9.76 11.08
C3 PEG FA . 19.60 -11.06 11.37
C4 PEG FA . 18.81 -10.86 12.70
O4 PEG FA . 19.31 -9.59 13.24
S DMS GA . 16.57 -14.98 -1.72
O DMS GA . 16.95 -16.16 -2.50
C1 DMS GA . 15.43 -13.76 -2.45
C2 DMS GA . 17.25 -14.78 -0.05
C10 O6O HA . 33.37 -9.76 5.87
C13 O6O HA . 32.80 -7.10 6.31
C17 O6O HA . 32.52 -10.95 3.51
C20 O6O HA . 37.48 -12.89 4.44
C22 O6O HA . 39.05 -12.34 6.57
C26 O6O HA . 37.88 -10.50 5.29
C02 O6O HA . 36.95 -15.16 3.57
C03 O6O HA . 35.52 -14.77 3.64
C04 O6O HA . 34.53 -15.74 3.38
C05 O6O HA . 33.20 -15.37 3.45
C06 O6O HA . 32.87 -14.02 3.77
C07 O6O HA . 33.84 -13.04 4.03
C08 O6O HA . 33.34 -11.68 4.36
C09 O6O HA . 33.79 -11.05 5.55
C11 O6O HA . 32.52 -9.04 5.02
C14 O6O HA . 33.07 -8.06 7.50
C16 O6O HA . 32.10 -9.65 3.83
C18 O6O HA . 35.19 -13.44 3.96
C23 O6O HA . 38.50 -11.69 7.89
C25 O6O HA . 37.52 -9.94 6.69
C27 O6O HA . 37.90 -14.13 4.07
N21 O6O HA . 38.14 -11.97 5.40
O01 O6O HA . 37.30 -16.25 3.17
O12 O6O HA . 32.10 -7.77 5.28
O15 O6O HA . 33.82 -9.21 7.07
O19 O6O HA . 36.18 -12.49 4.20
O24 O6O HA . 37.29 -11.00 7.61
C1 EDO IA . 14.86 -29.62 -4.66
O1 EDO IA . 16.13 -29.61 -5.32
C2 EDO IA . 15.03 -28.57 -3.55
O2 EDO IA . 14.04 -27.56 -3.87
S DMS JA . 40.72 -23.92 -4.33
O DMS JA . 41.29 -24.59 -3.15
C1 DMS JA . 38.92 -23.66 -4.43
C2 DMS JA . 41.87 -23.41 -5.63
C1 EDO KA . 51.50 -16.87 -3.97
O1 EDO KA . 51.26 -16.11 -2.78
C2 EDO KA . 52.99 -16.66 -4.26
O2 EDO KA . 53.08 -16.78 -5.69
S DMS LA . 22.39 -22.73 -12.62
O DMS LA . 21.41 -23.62 -11.97
C1 DMS LA . 22.18 -20.92 -12.46
C2 DMS LA . 23.77 -23.39 -13.62
CL CL MA . 33.86 -10.59 10.48
C10 O6O NA . -35.29 -7.48 -0.36
C13 O6O NA . -34.68 -10.10 0.21
C17 O6O NA . -34.12 -6.30 -2.58
C20 O6O NA . -39.26 -4.69 -2.53
C22 O6O NA . -41.21 -5.09 -0.67
C26 O6O NA . -39.73 -7.01 -1.48
C02 O6O NA . -38.76 -2.38 -3.21
C03 O6O NA . -37.35 -2.70 -2.98
C04 O6O NA . -36.38 -1.69 -3.17
C05 O6O NA . -35.05 -1.99 -2.94
C06 O6O NA . -34.69 -3.28 -2.53
C07 O6O NA . -35.63 -4.31 -2.34
C08 O6O NA . -35.13 -5.61 -1.90
C09 O6O NA . -35.72 -6.22 -0.79
C11 O6O NA . -34.26 -8.16 -1.04
C14 O6O NA . -35.20 -9.15 1.32
C16 O6O NA . -33.68 -7.55 -2.16
C18 O6O NA . -36.98 -3.98 -2.57
C23 O6O NA . -40.93 -5.56 0.81
C25 O6O NA . -39.93 -7.48 -0.02
C27 O6O NA . -39.65 -3.55 -3.16
N21 O6O NA . -40.07 -5.55 -1.60
O01 O6O NA . -39.18 -1.25 -3.36
O12 O6O NA . -33.82 -9.39 -0.67
O15 O6O NA . -35.90 -8.04 0.77
O19 O6O NA . -37.93 -4.97 -2.38
O24 O6O NA . -39.80 -6.39 0.86
C1 EDO OA . -14.09 10.00 -7.94
O1 EDO OA . -14.86 9.02 -7.21
C2 EDO OA . -15.06 10.50 -9.01
O2 EDO OA . -16.13 11.09 -8.25
S DMS PA . -22.09 3.76 -17.13
O DMS PA . -20.80 4.38 -16.78
C1 DMS PA . -22.78 2.46 -16.04
C2 DMS PA . -22.99 4.26 -18.63
CL CL QA . -36.73 -6.06 4.41
C1 EDO RA . 11.34 10.90 20.36
O1 EDO RA . 12.22 11.90 20.92
C2 EDO RA . 10.03 11.67 20.14
O2 EDO RA . 10.29 12.42 18.93
C1 EDO SA . 20.22 4.14 -2.20
O1 EDO SA . 20.01 2.75 -2.53
C2 EDO SA . 19.99 4.85 -3.53
O2 EDO SA . 20.54 3.94 -4.51
C10 O6O TA . 14.55 36.17 14.43
C13 O6O TA . 14.30 37.67 16.74
C17 O6O TA . 13.94 33.46 14.49
C20 O6O TA . 12.74 35.56 9.52
C22 O6O TA . 11.59 37.80 8.67
C26 O6O TA . 12.40 37.52 11.14
C02 O6O TA . 13.05 33.43 8.34
C03 O6O TA . 13.72 32.96 9.59
C04 O6O TA . 14.41 31.73 9.58
C05 O6O TA . 15.03 31.31 10.75
C06 O6O TA . 14.92 32.11 11.92
C07 O6O TA . 14.23 33.32 11.95
C08 O6O TA . 14.23 34.07 13.25
C09 O6O TA . 14.53 35.44 13.24
C11 O6O TA . 14.26 35.56 15.66
C14 O6O TA . 15.24 38.12 15.59
C16 O6O TA . 13.96 34.19 15.68
C18 O6O TA . 13.63 33.74 10.74
C23 O6O TA . 11.91 39.29 8.93
C25 O6O TA . 12.71 39.04 11.07
C27 O6O TA . 12.66 34.84 8.38
N21 O6O TA . 12.27 36.92 9.73
O01 O6O TA . 12.82 32.72 7.38
O12 O6O TA . 14.27 36.25 16.84
O15 O6O TA . 14.85 37.54 14.36
O19 O6O TA . 12.94 34.93 10.73
O24 O6O TA . 13.03 39.39 9.75
C1 PEG UA . 11.76 11.01 14.27
O1 PEG UA . 10.41 10.67 13.81
C2 PEG UA . 11.65 12.43 15.04
O2 PEG UA . 10.75 13.34 14.30
C3 PEG UA . 10.96 13.50 12.85
C4 PEG UA . 10.66 14.99 12.49
O4 PEG UA . 9.84 15.51 13.54
C1 EDO VA . 23.98 39.74 11.83
O1 EDO VA . 23.85 40.26 13.17
C2 EDO VA . 25.49 39.76 11.59
O2 EDO VA . 25.61 39.79 10.15
C1 EDO WA . 8.90 21.82 11.80
O1 EDO WA . 8.88 21.14 10.53
C2 EDO WA . 8.96 23.32 11.41
O2 EDO WA . 10.37 23.64 11.41
C1 EDO XA . 24.15 8.27 14.82
O1 EDO XA . 23.77 9.65 14.98
C2 EDO XA . 23.46 7.85 13.51
O2 EDO XA . 22.57 8.95 13.24
C1 EDO YA . 9.37 16.72 5.90
O1 EDO YA . 8.83 15.39 5.73
C2 EDO YA . 10.80 16.60 5.36
O2 EDO YA . 10.90 17.66 4.39
S DMS ZA . 13.85 14.00 3.69
O DMS ZA . 13.35 15.17 4.44
C1 DMS ZA . 14.59 14.20 2.03
C2 DMS ZA . 13.72 12.36 4.45
C1 EDO AB . 19.43 19.68 23.72
O1 EDO AB . 18.30 19.89 22.88
C2 EDO AB . 20.61 19.72 22.73
O2 EDO AB . 20.27 20.78 21.82
C1 EDO BB . 16.26 18.18 19.39
O1 EDO BB . 17.09 17.20 20.04
C2 EDO BB . 17.14 19.46 19.36
O2 EDO BB . 16.90 20.09 20.63
CL CL CB . 18.30 38.46 13.26
NA NA DB . 17.89 43.16 8.89
C10 O6O EB . -10.65 -1.36 -21.81
C13 O6O EB . -10.84 -2.61 -19.37
C17 O6O EB . -10.23 1.39 -21.91
C20 O6O EB . -8.07 -1.35 -26.28
C22 O6O EB . -8.28 -3.95 -26.86
C26 O6O EB . -8.06 -3.09 -24.40
C02 O6O EB . -8.14 0.64 -27.75
C03 O6O EB . -8.98 1.27 -26.70
C04 O6O EB . -9.60 2.49 -26.98
C05 O6O EB . -10.38 3.08 -25.99
C06 O6O EB . -10.52 2.43 -24.76
C07 O6O EB . -9.89 1.22 -24.45
C08 O6O EB . -10.16 0.63 -23.11
C09 O6O EB . -10.39 -0.74 -23.03
C11 O6O EB . -10.71 -0.60 -20.63
C14 O6O EB . -11.45 -3.24 -20.62
C16 O6O EB . -10.50 0.78 -20.68
C18 O6O EB . -9.12 0.64 -25.48
C23 O6O EB . -7.60 -5.22 -26.27
C25 O6O EB . -7.39 -4.45 -24.14
C27 O6O EB . -7.88 -0.81 -27.51
N21 O6O EB . -8.11 -2.77 -25.90
O01 O6O EB . -7.71 1.22 -28.73
O12 O6O EB . -10.96 -1.19 -19.42
O15 O6O EB . -10.85 -2.75 -21.80
O19 O6O EB . -8.49 -0.57 -25.23
O24 O6O EB . -7.96 -5.41 -24.94
C1 PGE FB . -29.29 9.73 -32.89
O1 PGE FB . -29.19 8.72 -31.94
C2 PGE FB . -30.63 10.44 -32.72
O2 PGE FB . -30.63 11.56 -33.56
C3 PGE FB . -31.40 12.64 -33.09
C4 PGE FB . -30.53 13.87 -32.83
O4 PGE FB . -31.04 15.15 -28.93
C6 PGE FB . -31.56 15.86 -30.03
C5 PGE FB . -30.64 15.61 -31.23
O3 PGE FB . -31.32 14.81 -32.15
S DMS GB . -6.51 22.87 -18.41
O DMS GB . -7.92 22.84 -18.83
C1 DMS GB . -6.12 23.18 -16.65
C2 DMS GB . -5.18 22.65 -19.65
C1 EDO HB . -18.84 25.33 -24.87
O1 EDO HB . -20.23 24.97 -24.84
C2 EDO HB . -18.53 25.40 -26.37
O2 EDO HB . -18.86 26.75 -26.72
C1 EDO IB . -14.15 31.17 -29.59
O1 EDO IB . -13.19 30.37 -30.31
C2 EDO IB . -15.41 31.11 -30.46
O2 EDO IB . -14.95 30.53 -31.69
C1 EDO JB . -7.71 23.36 -23.19
O1 EDO JB . -7.85 24.72 -23.63
C2 EDO JB . -6.66 22.77 -24.14
O2 EDO JB . -6.98 21.36 -24.18
CL CL KB . -14.12 -3.74 -23.52
#